data_7SI6
#
_entry.id   7SI6
#
_cell.length_a   1.00
_cell.length_b   1.00
_cell.length_c   1.00
_cell.angle_alpha   90.00
_cell.angle_beta   90.00
_cell.angle_gamma   90.00
#
_symmetry.space_group_name_H-M   'P 1'
#
loop_
_entity.id
_entity.type
_entity.pdbx_description
1 polymer 'P-type Cu(+) transporter'
2 non-polymer 'MAGNESIUM ION'
3 non-polymer 'TETRAFLUOROALUMINATE ION'
#
_entity_poly.entity_id   1
_entity_poly.type   'polypeptide(L)'
_entity_poly.pdbx_seq_one_letter_code
;MFPKRILDEEEGVQLLSTENEKCSTKRRSSPQFCVNNTFSDSPVSVWKEAKKPSCAFDNRGYEGSPDDLCSLPDDVGSVV
VAIQGMTCQSCVQSIEGRISKVSGVVGINVCLEQNNAIVNYLQTEITPHKICEEIEDMGFDASLSEQSGMPSSVKSSYYG
DNVIKIRVEGMTCQSCVNTIEGKIGKIQGVQKIKVSLTGQEAVITYQSHIIQAEDLRKYIEDMGFEASIKNKPDPTKLGT
IDIERLQNSIAENHSGHTNSNTVTLGIDGMHCKSCVHNIEGYVSGLAGIQSIRVSLKNKNAVVCLSQGSTSLLSLKESIE
NLPPGKFKVTLPVGVEKGQSLARNSTHSSHRDQSMGGNIAIISIGGMTCQSCVSSIENMISQRKGVLHILVSLDEGNGNI
FYNPCETNAEELRAAIEDMGFHSTLVSDNSPSISCSEYNSKEEENKQTPPKATRQISGSRDYILDVLPKKSHPDFANEKY
DTAPEKCFLQITGMTCISCVSNIERNLKKKDGIVSVLVALMSGKAEVKFYPDRIEPLEIAQLVEDLGFGASVMEDYTASD
GNVELIITGMTCASCVHNIESRLMRTPGILQASVALATCKAQVKFDPEIVGPRDIIRIIEGIGFQASLAKRDPTAHKLDH
KEEIKQWRNSFLFSLLFGIPVIILMIYMLAANKDHHNTMVLDRNIVPGLSIINLVFFILCTFVQTLGGRYFYVQAYKSLK
HKATNMDVLIVLATTIAYIYSVVILTVAMVEKADKSPETFFDTPPMLFMFIALGRWLEHIAKSKTSEALAKLISLQATEA
AVVTFGANQIILREEQVAVELVQRGDIVKVVPGGKFPVDGKVIEGTSMADESLITGEPMPVRKKPGSMVIAGSINAHGTV
LVEATHVGSETTLAQIVKLVEEAQMSKAPIQQLADKISGYFVPFIIIISVVTLVTWIIIGFVNFDIIIKYFPSYSKNISK
TEVIIRVAFQTSITVLSIACPCALGLATPTAVMVGTGVAAQNGILIKGGEPLEMAHKIKAVMFDKTGTITHGVPKVMRVL
LLGDVVKMPLKRMLAVVGTAEASSEHPLGMAVTKYCKEELGTELLGYCTDFQAVPGCGISCKVNNIESVLVQNEEGLNEQ
NSYRNSLIGTTDSSLIITPELLGAQAPLAHTVLIGNREWMRRNGLHISTDVDEAMSSHEMKGQTAVLVAIDGELCGMIAI
ADTVKQEAALAVHTLKSMGIDVVLITGDNRKTAKAIATQVGIKKVFAEVLPSHKVAKVQALQSDNKRVAMVGDGVNDSPA
LARADVGIAIGTGTDVAIEAADIVLIRNDLLDVVASIHLSKRTVRRIRLNFVFALIYNLLGIPIAAGVFMPAGLVLQPWM
GSAAMAASSVSVVLSSLQLKCYRKPDSDRYEARAQGHMKPLTPSQISVHIGMDDRWRDLPKTKAWDQISYISQVSRASQK
PKRHGSLVEQQDKWSLLINETHEDQMI
;
_entity_poly.pdbx_strand_id   A
#
loop_
_chem_comp.id
_chem_comp.type
_chem_comp.name
_chem_comp.formula
ALF non-polymer 'TETRAFLUOROALUMINATE ION' 'Al F4 -1'
MG non-polymer 'MAGNESIUM ION' 'Mg 2'
#
# COMPACT_ATOMS: atom_id res chain seq x y z
N ALA A 483 32.66 -29.19 -11.44
CA ALA A 483 32.66 -28.10 -10.47
C ALA A 483 32.95 -26.74 -11.13
N PRO A 484 34.06 -26.63 -11.86
CA PRO A 484 34.39 -25.35 -12.50
C PRO A 484 33.45 -25.04 -13.67
N GLU A 485 33.46 -23.77 -14.07
CA GLU A 485 32.66 -23.30 -15.20
C GLU A 485 31.17 -23.51 -14.96
N LYS A 486 30.73 -23.21 -13.73
CA LYS A 486 29.29 -23.22 -13.44
C LYS A 486 28.58 -22.18 -14.29
N CYS A 487 27.37 -22.51 -14.72
CA CYS A 487 26.62 -21.67 -15.65
C CYS A 487 25.39 -21.09 -14.99
N PHE A 488 24.97 -19.92 -15.48
CA PHE A 488 23.77 -19.24 -15.01
C PHE A 488 22.70 -19.31 -16.10
N LEU A 489 21.46 -19.51 -15.69
CA LEU A 489 20.33 -19.63 -16.60
C LEU A 489 19.16 -18.82 -16.08
N GLN A 490 18.30 -18.39 -17.00
CA GLN A 490 17.05 -17.72 -16.66
C GLN A 490 15.89 -18.60 -17.12
N ILE A 491 14.98 -18.91 -16.21
CA ILE A 491 13.89 -19.84 -16.45
C ILE A 491 12.57 -19.09 -16.28
N THR A 492 11.68 -19.22 -17.25
CA THR A 492 10.38 -18.58 -17.22
C THR A 492 9.31 -19.62 -17.55
N GLY A 493 8.09 -19.35 -17.08
CA GLY A 493 6.99 -20.27 -17.22
C GLY A 493 6.81 -21.23 -16.05
N MET A 494 7.46 -20.97 -14.93
CA MET A 494 7.43 -21.86 -13.76
C MET A 494 6.58 -21.21 -12.68
N THR A 495 5.63 -21.98 -12.12
CA THR A 495 4.65 -21.44 -11.21
C THR A 495 4.49 -22.21 -9.90
N CYS A 496 5.05 -23.41 -9.78
CA CYS A 496 4.86 -24.21 -8.57
C CYS A 496 6.21 -24.61 -8.00
N ILE A 497 6.25 -24.79 -6.68
CA ILE A 497 7.45 -25.33 -6.04
C ILE A 497 7.68 -26.77 -6.51
N SER A 498 6.59 -27.52 -6.73
CA SER A 498 6.74 -28.83 -7.35
C SER A 498 7.41 -28.71 -8.72
N CYS A 499 7.21 -27.60 -9.42
CA CYS A 499 7.91 -27.39 -10.67
C CYS A 499 9.42 -27.35 -10.44
N VAL A 500 9.84 -26.62 -9.40
CA VAL A 500 11.26 -26.55 -9.07
C VAL A 500 11.80 -27.92 -8.71
N SER A 501 11.05 -28.68 -7.90
CA SER A 501 11.51 -30.01 -7.52
C SER A 501 11.66 -30.90 -8.74
N ASN A 502 10.69 -30.88 -9.66
CA ASN A 502 10.78 -31.70 -10.85
C ASN A 502 11.96 -31.29 -11.72
N ILE A 503 12.17 -29.98 -11.88
CA ILE A 503 13.28 -29.51 -12.71
C ILE A 503 14.61 -29.98 -12.12
N GLU A 504 14.78 -29.81 -10.81
CA GLU A 504 16.02 -30.22 -10.16
C GLU A 504 16.23 -31.72 -10.29
N ARG A 505 15.17 -32.51 -10.05
CA ARG A 505 15.31 -33.96 -10.13
C ARG A 505 15.69 -34.40 -11.53
N ASN A 506 14.99 -33.87 -12.54
CA ASN A 506 15.27 -34.28 -13.91
C ASN A 506 16.68 -33.87 -14.34
N LEU A 507 17.10 -32.65 -13.98
CA LEU A 507 18.42 -32.19 -14.39
C LEU A 507 19.52 -32.98 -13.70
N LYS A 508 19.34 -33.28 -12.41
CA LYS A 508 20.34 -34.08 -11.70
C LYS A 508 20.37 -35.51 -12.20
N LYS A 509 19.23 -36.04 -12.66
CA LYS A 509 19.19 -37.41 -13.17
C LYS A 509 20.08 -37.56 -14.40
N LYS A 510 20.07 -36.58 -15.30
CA LYS A 510 20.86 -36.68 -16.51
C LYS A 510 22.35 -36.70 -16.19
N ASP A 511 23.09 -37.49 -16.95
CA ASP A 511 24.53 -37.59 -16.75
C ASP A 511 25.22 -36.27 -17.11
N GLY A 512 26.34 -36.02 -16.45
CA GLY A 512 27.12 -34.81 -16.65
C GLY A 512 26.76 -33.68 -15.72
N ILE A 513 25.47 -33.51 -15.44
CA ILE A 513 25.01 -32.47 -14.53
C ILE A 513 25.26 -32.90 -13.10
N VAL A 514 25.99 -32.08 -12.35
CA VAL A 514 26.30 -32.40 -10.95
C VAL A 514 25.25 -31.85 -10.00
N SER A 515 24.88 -30.59 -10.17
CA SER A 515 23.87 -29.99 -9.29
C SER A 515 23.18 -28.83 -10.00
N VAL A 516 21.98 -28.52 -9.54
CA VAL A 516 21.16 -27.47 -10.11
C VAL A 516 20.40 -26.74 -9.01
N LEU A 517 20.29 -25.43 -9.16
CA LEU A 517 19.63 -24.56 -8.20
C LEU A 517 18.72 -23.61 -8.98
N VAL A 518 17.54 -23.34 -8.41
CA VAL A 518 16.59 -22.43 -9.05
C VAL A 518 15.72 -21.80 -7.97
N ALA A 519 15.21 -20.61 -8.26
CA ALA A 519 14.29 -19.89 -7.39
C ALA A 519 12.95 -19.73 -8.08
N LEU A 520 11.91 -19.46 -7.30
CA LEU A 520 10.56 -19.39 -7.84
C LEU A 520 10.28 -18.04 -8.50
N MET A 521 10.30 -16.96 -7.71
CA MET A 521 9.93 -15.65 -8.23
C MET A 521 11.06 -15.04 -9.06
N SER A 522 12.31 -15.24 -8.65
CA SER A 522 13.42 -14.61 -9.37
C SER A 522 13.59 -15.18 -10.76
N GLY A 523 13.26 -16.45 -10.97
CA GLY A 523 13.48 -17.07 -12.26
C GLY A 523 14.95 -17.15 -12.65
N LYS A 524 15.82 -17.37 -11.67
CA LYS A 524 17.25 -17.48 -11.89
C LYS A 524 17.75 -18.83 -11.39
N ALA A 525 18.66 -19.44 -12.15
CA ALA A 525 19.15 -20.77 -11.82
C ALA A 525 20.65 -20.83 -12.02
N GLU A 526 21.29 -21.68 -11.21
CA GLU A 526 22.73 -21.91 -11.29
C GLU A 526 22.97 -23.41 -11.40
N VAL A 527 23.73 -23.82 -12.40
CA VAL A 527 23.98 -25.24 -12.66
C VAL A 527 25.47 -25.50 -12.63
N LYS A 528 25.87 -26.50 -11.85
CA LYS A 528 27.26 -26.97 -11.79
C LYS A 528 27.34 -28.33 -12.46
N PHE A 529 28.27 -28.46 -13.41
CA PHE A 529 28.39 -29.68 -14.20
C PHE A 529 29.80 -29.79 -14.72
N TYR A 530 30.17 -30.97 -15.18
CA TYR A 530 31.45 -31.18 -15.83
C TYR A 530 31.40 -30.62 -17.25
N PRO A 531 32.22 -29.63 -17.59
CA PRO A 531 32.13 -29.04 -18.94
C PRO A 531 32.42 -30.03 -20.06
N ASP A 532 33.32 -30.99 -19.83
CA ASP A 532 33.74 -31.89 -20.89
C ASP A 532 32.66 -32.89 -21.29
N ARG A 533 31.59 -33.01 -20.52
CA ARG A 533 30.52 -33.97 -20.81
C ARG A 533 29.30 -33.31 -21.44
N ILE A 534 28.86 -32.17 -20.92
CA ILE A 534 27.68 -31.47 -21.43
C ILE A 534 28.01 -29.99 -21.55
N GLU A 535 27.21 -29.29 -22.34
CA GLU A 535 27.39 -27.89 -22.64
C GLU A 535 26.16 -27.08 -22.22
N PRO A 536 26.31 -25.78 -21.98
CA PRO A 536 25.15 -24.98 -21.53
C PRO A 536 23.99 -25.01 -22.50
N LEU A 537 24.26 -25.09 -23.80
CA LEU A 537 23.17 -25.19 -24.77
C LEU A 537 22.35 -26.45 -24.55
N GLU A 538 23.02 -27.57 -24.28
CA GLU A 538 22.30 -28.80 -23.99
C GLU A 538 21.46 -28.66 -22.73
N ILE A 539 21.99 -27.99 -21.71
CA ILE A 539 21.23 -27.78 -20.48
C ILE A 539 19.98 -26.95 -20.77
N ALA A 540 20.14 -25.89 -21.56
CA ALA A 540 18.99 -25.05 -21.91
C ALA A 540 17.95 -25.84 -22.69
N GLN A 541 18.41 -26.66 -23.63
CA GLN A 541 17.47 -27.49 -24.40
C GLN A 541 16.73 -28.47 -23.49
N LEU A 542 17.45 -29.09 -22.55
CA LEU A 542 16.81 -30.02 -21.64
C LEU A 542 15.78 -29.31 -20.77
N VAL A 543 16.11 -28.11 -20.27
CA VAL A 543 15.15 -27.36 -19.46
C VAL A 543 13.93 -27.00 -20.29
N GLU A 544 14.14 -26.58 -21.54
CA GLU A 544 13.02 -26.23 -22.41
C GLU A 544 12.13 -27.45 -22.65
N ASP A 545 12.74 -28.62 -22.84
CA ASP A 545 11.95 -29.83 -23.04
C ASP A 545 11.02 -30.11 -21.87
N LEU A 546 11.41 -29.67 -20.67
CA LEU A 546 10.55 -29.86 -19.49
C LEU A 546 9.31 -28.98 -19.53
N GLY A 547 9.24 -28.01 -20.45
CA GLY A 547 8.09 -27.14 -20.57
C GLY A 547 8.29 -25.74 -20.04
N PHE A 548 9.50 -25.39 -19.60
CA PHE A 548 9.80 -24.05 -19.09
C PHE A 548 10.86 -23.41 -19.97
N GLY A 549 10.56 -22.20 -20.46
CA GLY A 549 11.50 -21.48 -21.29
C GLY A 549 12.81 -21.20 -20.58
N ALA A 550 13.93 -21.49 -21.24
CA ALA A 550 15.25 -21.32 -20.65
C ALA A 550 16.11 -20.45 -21.56
N SER A 551 16.86 -19.54 -20.96
CA SER A 551 17.79 -18.68 -21.69
C SER A 551 19.13 -18.66 -20.97
N VAL A 552 20.20 -18.53 -21.76
CA VAL A 552 21.56 -18.53 -21.25
C VAL A 552 22.02 -17.07 -21.11
N MET A 553 22.58 -16.74 -19.95
CA MET A 553 23.05 -15.38 -19.70
C MET A 553 24.18 -15.44 -18.68
N GLU A 554 24.96 -14.36 -18.63
CA GLU A 554 26.07 -14.27 -17.70
C GLU A 554 25.60 -14.40 -16.26
N GLY A 561 30.53 -12.14 -2.66
CA GLY A 561 29.95 -11.97 -1.34
C GLY A 561 30.67 -10.94 -0.51
N ASN A 562 29.94 -9.92 -0.06
CA ASN A 562 30.49 -8.83 0.74
C ASN A 562 29.88 -8.88 2.13
N VAL A 563 30.73 -8.78 3.15
CA VAL A 563 30.31 -8.86 4.54
C VAL A 563 30.91 -7.70 5.31
N GLU A 564 30.09 -7.05 6.14
CA GLU A 564 30.51 -5.95 6.98
C GLU A 564 30.41 -6.37 8.44
N LEU A 565 31.45 -6.09 9.22
CA LEU A 565 31.53 -6.53 10.60
C LEU A 565 32.05 -5.40 11.47
N ILE A 566 31.76 -5.51 12.76
CA ILE A 566 32.31 -4.63 13.79
C ILE A 566 33.05 -5.52 14.77
N ILE A 567 34.32 -5.20 15.03
CA ILE A 567 35.18 -6.01 15.88
C ILE A 567 35.61 -5.17 17.08
N THR A 568 35.42 -5.72 18.28
CA THR A 568 35.81 -5.04 19.50
C THR A 568 37.31 -5.21 19.76
N GLY A 569 37.86 -4.25 20.50
CA GLY A 569 39.26 -4.31 20.83
C GLY A 569 40.21 -3.96 19.70
N MET A 570 39.73 -3.25 18.68
CA MET A 570 40.56 -2.85 17.55
C MET A 570 41.24 -1.51 17.85
N THR A 571 41.94 -1.46 18.97
CA THR A 571 42.63 -0.26 19.43
C THR A 571 44.07 -0.19 18.97
N CYS A 572 44.57 -1.19 18.25
CA CYS A 572 45.95 -1.22 17.79
C CYS A 572 45.98 -1.59 16.31
N ALA A 573 46.96 -1.01 15.60
CA ALA A 573 47.12 -1.30 14.18
C ALA A 573 47.73 -2.68 13.96
N SER A 574 48.55 -3.15 14.90
CA SER A 574 49.16 -4.46 14.76
C SER A 574 48.10 -5.57 14.70
N CYS A 575 47.08 -5.46 15.55
CA CYS A 575 46.02 -6.46 15.54
C CYS A 575 45.28 -6.45 14.21
N VAL A 576 45.00 -5.26 13.67
CA VAL A 576 44.32 -5.18 12.38
C VAL A 576 45.17 -5.79 11.28
N HIS A 577 46.47 -5.49 11.29
CA HIS A 577 47.36 -6.05 10.28
C HIS A 577 47.41 -7.57 10.37
N ASN A 578 47.50 -8.10 11.60
CA ASN A 578 47.53 -9.55 11.78
C ASN A 578 46.23 -10.19 11.30
N ILE A 579 45.10 -9.56 11.61
CA ILE A 579 43.81 -10.09 11.16
C ILE A 579 43.74 -10.10 9.64
N GLU A 580 44.18 -9.02 9.01
CA GLU A 580 44.16 -8.95 7.55
C GLU A 580 45.06 -10.01 6.93
N SER A 581 46.25 -10.20 7.50
CA SER A 581 47.17 -11.22 6.96
C SER A 581 46.59 -12.61 7.12
N ARG A 582 46.00 -12.91 8.28
CA ARG A 582 45.38 -14.22 8.46
C ARG A 582 44.22 -14.41 7.48
N LEU A 583 43.45 -13.35 7.23
CA LEU A 583 42.36 -13.46 6.28
C LEU A 583 42.86 -13.74 4.86
N MET A 584 43.90 -13.02 4.42
CA MET A 584 44.39 -13.25 3.06
C MET A 584 44.98 -14.65 2.95
N ARG A 585 45.64 -15.13 4.00
CA ARG A 585 46.25 -16.45 3.95
C ARG A 585 45.20 -17.54 3.72
N THR A 586 44.06 -17.42 4.41
CA THR A 586 43.01 -18.42 4.24
C THR A 586 42.47 -18.38 2.81
N PRO A 587 42.20 -19.54 2.20
CA PRO A 587 41.72 -19.55 0.82
C PRO A 587 40.28 -19.09 0.72
N GLY A 588 39.92 -18.63 -0.48
CA GLY A 588 38.56 -18.22 -0.78
C GLY A 588 38.22 -16.79 -0.43
N ILE A 589 39.14 -16.04 0.17
CA ILE A 589 38.91 -14.65 0.53
C ILE A 589 39.65 -13.78 -0.48
N LEU A 590 38.92 -12.88 -1.14
CA LEU A 590 39.50 -12.01 -2.16
C LEU A 590 40.14 -10.77 -1.54
N GLN A 591 39.44 -10.10 -0.64
CA GLN A 591 39.96 -8.89 -0.01
C GLN A 591 39.37 -8.75 1.38
N ALA A 592 40.10 -8.04 2.25
CA ALA A 592 39.64 -7.80 3.61
C ALA A 592 40.32 -6.56 4.14
N SER A 593 39.55 -5.61 4.66
CA SER A 593 40.08 -4.38 5.21
C SER A 593 39.38 -4.07 6.52
N VAL A 594 40.08 -3.37 7.40
CA VAL A 594 39.55 -2.96 8.70
C VAL A 594 39.92 -1.50 8.94
N ALA A 595 38.97 -0.73 9.47
CA ALA A 595 39.17 0.67 9.76
C ALA A 595 39.32 0.85 11.26
N LEU A 596 40.43 1.47 11.68
CA LEU A 596 40.66 1.70 13.11
C LEU A 596 39.80 2.82 13.65
N ALA A 597 39.43 3.79 12.80
CA ALA A 597 38.66 4.94 13.28
C ALA A 597 37.31 4.50 13.84
N THR A 598 36.63 3.60 13.14
CA THR A 598 35.30 3.13 13.55
C THR A 598 35.27 1.64 13.86
N CYS A 599 36.40 0.94 13.80
CA CYS A 599 36.49 -0.49 14.05
C CYS A 599 35.68 -1.32 13.07
N LYS A 600 35.24 -0.73 11.96
CA LYS A 600 34.48 -1.46 10.96
C LYS A 600 35.41 -2.22 10.03
N ALA A 601 34.93 -3.37 9.54
CA ALA A 601 35.70 -4.22 8.64
C ALA A 601 34.81 -4.65 7.49
N GLN A 602 35.38 -4.69 6.28
CA GLN A 602 34.69 -5.14 5.09
C GLN A 602 35.49 -6.26 4.44
N VAL A 603 34.82 -7.37 4.13
CA VAL A 603 35.48 -8.55 3.56
C VAL A 603 34.72 -8.95 2.30
N LYS A 604 35.43 -9.10 1.20
CA LYS A 604 34.88 -9.58 -0.06
C LYS A 604 35.48 -10.95 -0.35
N PHE A 605 34.62 -11.94 -0.55
CA PHE A 605 35.05 -13.33 -0.72
C PHE A 605 34.04 -14.05 -1.60
N ASP A 606 34.35 -15.31 -1.92
CA ASP A 606 33.46 -16.14 -2.70
C ASP A 606 32.51 -16.90 -1.78
N PRO A 607 31.19 -16.72 -1.88
CA PRO A 607 30.28 -17.44 -0.97
C PRO A 607 30.39 -18.95 -1.10
N GLU A 608 30.71 -19.46 -2.29
CA GLU A 608 30.76 -20.90 -2.50
C GLU A 608 31.88 -21.56 -1.72
N ILE A 609 32.90 -20.81 -1.31
CA ILE A 609 34.06 -21.36 -0.62
C ILE A 609 34.16 -20.86 0.80
N VAL A 610 33.88 -19.58 1.03
CA VAL A 610 34.03 -18.96 2.34
C VAL A 610 32.73 -18.27 2.71
N GLY A 611 32.48 -18.16 4.01
CA GLY A 611 31.30 -17.49 4.52
C GLY A 611 31.62 -16.67 5.75
N PRO A 612 30.65 -15.87 6.20
CA PRO A 612 30.88 -15.03 7.39
C PRO A 612 31.24 -15.84 8.62
N ARG A 613 30.75 -17.08 8.73
CA ARG A 613 31.05 -17.89 9.90
C ARG A 613 32.54 -18.17 10.02
N ASP A 614 33.21 -18.46 8.90
CA ASP A 614 34.64 -18.72 8.95
C ASP A 614 35.40 -17.49 9.40
N ILE A 615 35.04 -16.31 8.90
CA ILE A 615 35.70 -15.09 9.30
C ILE A 615 35.48 -14.82 10.79
N ILE A 616 34.25 -15.02 11.26
CA ILE A 616 33.95 -14.81 12.68
C ILE A 616 34.76 -15.75 13.54
N ARG A 617 34.85 -17.03 13.14
CA ARG A 617 35.61 -18.00 13.91
C ARG A 617 37.09 -17.65 13.94
N ILE A 618 37.64 -17.21 12.80
CA ILE A 618 39.04 -16.83 12.76
C ILE A 618 39.29 -15.63 13.67
N ILE A 619 38.39 -14.64 13.63
CA ILE A 619 38.55 -13.46 14.47
C ILE A 619 38.48 -13.84 15.94
N GLU A 620 37.54 -14.73 16.31
CA GLU A 620 37.44 -15.17 17.68
C GLU A 620 38.70 -15.91 18.12
N GLY A 621 39.23 -16.78 17.26
CA GLY A 621 40.46 -17.47 17.58
C GLY A 621 41.63 -16.53 17.75
N ILE A 622 41.67 -15.44 16.98
CA ILE A 622 42.75 -14.47 17.10
C ILE A 622 42.75 -13.86 18.50
N GLY A 623 41.57 -13.62 19.05
CA GLY A 623 41.47 -13.08 20.40
C GLY A 623 40.50 -11.92 20.53
N PHE A 624 39.71 -11.66 19.48
CA PHE A 624 38.75 -10.58 19.46
C PHE A 624 37.42 -11.08 18.93
N GLN A 625 36.34 -10.42 19.35
CA GLN A 625 34.99 -10.79 18.94
C GLN A 625 34.51 -9.86 17.84
N ALA A 626 33.73 -10.41 16.92
CA ALA A 626 33.19 -9.67 15.79
C ALA A 626 31.69 -9.97 15.65
N SER A 627 30.95 -8.97 15.18
CA SER A 627 29.52 -9.12 14.99
C SER A 627 29.09 -8.35 13.74
N LEU A 628 28.16 -8.94 12.98
CA LEU A 628 27.67 -8.28 11.77
C LEU A 628 26.88 -7.03 12.13
N ALA A 629 27.00 -6.02 11.28
CA ALA A 629 26.30 -4.76 11.48
C ALA A 629 24.80 -4.96 11.47
N HIS A 640 8.41 13.61 6.70
CA HIS A 640 7.13 14.27 6.53
C HIS A 640 6.76 15.07 7.77
N LYS A 641 7.15 14.57 8.94
CA LYS A 641 6.85 15.26 10.19
C LYS A 641 7.55 16.61 10.24
N GLU A 642 8.72 16.72 9.62
CA GLU A 642 9.39 18.01 9.57
C GLU A 642 8.58 19.04 8.81
N GLU A 643 7.96 18.63 7.69
CA GLU A 643 7.09 19.54 6.95
C GLU A 643 5.95 20.03 7.82
N ILE A 644 5.31 19.11 8.54
CA ILE A 644 4.20 19.48 9.41
C ILE A 644 4.68 20.45 10.49
N LYS A 645 5.83 20.17 11.11
CA LYS A 645 6.33 21.03 12.16
C LYS A 645 6.62 22.43 11.64
N GLN A 646 7.26 22.53 10.48
CA GLN A 646 7.62 23.84 9.95
C GLN A 646 6.38 24.63 9.54
N TRP A 647 5.41 23.97 8.89
CA TRP A 647 4.17 24.65 8.53
C TRP A 647 3.40 25.08 9.78
N ARG A 648 3.38 24.24 10.81
CA ARG A 648 2.71 24.61 12.05
C ARG A 648 3.39 25.82 12.70
N ASN A 649 4.72 25.85 12.70
CA ASN A 649 5.43 26.99 13.26
C ASN A 649 5.11 28.26 12.48
N SER A 650 5.10 28.18 11.15
CA SER A 650 4.76 29.34 10.34
C SER A 650 3.35 29.82 10.65
N PHE A 651 2.40 28.88 10.72
CA PHE A 651 1.01 29.24 10.99
C PHE A 651 0.86 29.88 12.37
N LEU A 652 1.55 29.32 13.37
CA LEU A 652 1.43 29.85 14.73
C LEU A 652 2.03 31.24 14.84
N PHE A 653 3.20 31.46 14.24
CA PHE A 653 3.77 32.80 14.25
C PHE A 653 2.86 33.78 13.52
N SER A 654 2.35 33.38 12.36
CA SER A 654 1.48 34.26 11.58
C SER A 654 0.22 34.60 12.37
N LEU A 655 -0.36 33.62 13.06
CA LEU A 655 -1.53 33.91 13.89
C LEU A 655 -1.17 34.86 15.02
N LEU A 656 -0.13 34.55 15.79
CA LEU A 656 0.23 35.37 16.94
C LEU A 656 0.43 36.82 16.53
N PHE A 657 1.03 37.05 15.37
CA PHE A 657 1.34 38.41 14.95
C PHE A 657 0.40 38.91 13.86
N GLY A 658 -0.70 38.22 13.60
CA GLY A 658 -1.67 38.66 12.62
C GLY A 658 -3.06 38.91 13.18
N ILE A 659 -3.44 38.20 14.25
CA ILE A 659 -4.69 38.53 14.94
C ILE A 659 -4.66 39.95 15.47
N PRO A 660 -3.57 40.43 16.10
CA PRO A 660 -3.57 41.84 16.55
C PRO A 660 -3.79 42.84 15.43
N VAL A 661 -3.16 42.63 14.27
CA VAL A 661 -3.28 43.59 13.18
C VAL A 661 -4.68 43.56 12.58
N ILE A 662 -5.26 42.36 12.47
CA ILE A 662 -6.63 42.25 11.98
C ILE A 662 -7.59 42.93 12.95
N ILE A 663 -7.38 42.75 14.25
CA ILE A 663 -8.23 43.41 15.24
C ILE A 663 -8.10 44.92 15.12
N LEU A 664 -6.88 45.41 14.93
CA LEU A 664 -6.68 46.85 14.75
C LEU A 664 -7.40 47.35 13.50
N MET A 665 -7.32 46.61 12.41
CA MET A 665 -8.03 46.99 11.19
C MET A 665 -9.53 47.04 11.42
N ILE A 666 -10.08 46.04 12.11
CA ILE A 666 -11.52 46.04 12.40
C ILE A 666 -11.89 47.24 13.27
N TYR A 667 -11.07 47.53 14.28
CA TYR A 667 -11.35 48.67 15.15
C TYR A 667 -11.34 49.98 14.36
N MET A 668 -10.37 50.16 13.47
CA MET A 668 -10.35 51.35 12.63
C MET A 668 -11.57 51.40 11.72
N LEU A 669 -11.96 50.26 11.15
CA LEU A 669 -13.09 50.23 10.24
C LEU A 669 -14.39 50.60 10.96
N ALA A 670 -14.55 50.15 12.20
CA ALA A 670 -15.79 50.43 12.92
C ALA A 670 -16.01 51.92 13.10
N ALA A 671 -14.97 52.66 13.43
CA ALA A 671 -15.06 54.11 13.60
C ALA A 671 -14.14 54.83 12.64
N THR A 678 -10.53 56.37 17.61
CA THR A 678 -9.64 56.10 16.49
C THR A 678 -8.81 57.33 16.12
N MET A 679 -9.15 58.47 16.73
CA MET A 679 -8.40 59.69 16.44
C MET A 679 -6.95 59.56 16.86
N VAL A 680 -6.69 58.98 18.03
CA VAL A 680 -5.32 58.82 18.50
C VAL A 680 -4.55 57.90 17.56
N LEU A 681 -5.18 56.84 17.09
CA LEU A 681 -4.50 55.89 16.21
C LEU A 681 -3.98 56.58 14.95
N ASP A 682 -4.70 57.59 14.48
CA ASP A 682 -4.27 58.35 13.31
C ASP A 682 -3.28 59.46 13.66
N ARG A 683 -3.01 59.67 14.95
CA ARG A 683 -2.04 60.69 15.34
C ARG A 683 -0.66 60.32 14.81
N ASN A 684 0.11 61.35 14.43
CA ASN A 684 1.39 61.15 13.76
C ASN A 684 2.53 61.35 14.76
N ILE A 685 3.37 60.34 14.90
CA ILE A 685 4.61 60.51 15.66
C ILE A 685 5.57 61.38 14.88
N VAL A 686 5.70 61.14 13.59
CA VAL A 686 6.49 61.96 12.67
C VAL A 686 5.54 62.36 11.54
N PRO A 687 5.84 63.41 10.78
CA PRO A 687 4.85 63.89 9.79
C PRO A 687 4.35 62.82 8.86
N GLY A 688 5.20 61.86 8.48
CA GLY A 688 4.78 60.84 7.53
C GLY A 688 3.96 59.73 8.16
N LEU A 689 4.39 59.24 9.32
CA LEU A 689 3.78 58.05 9.91
C LEU A 689 2.65 58.39 10.87
N SER A 690 1.90 57.36 11.23
CA SER A 690 0.89 57.41 12.26
C SER A 690 1.07 56.22 13.19
N ILE A 691 0.48 56.31 14.38
CA ILE A 691 0.61 55.22 15.35
C ILE A 691 0.15 53.91 14.73
N ILE A 692 -1.02 53.93 14.08
CA ILE A 692 -1.54 52.72 13.45
C ILE A 692 -0.59 52.23 12.37
N ASN A 693 -0.06 53.15 11.55
CA ASN A 693 0.84 52.75 10.48
C ASN A 693 2.12 52.15 11.04
N LEU A 694 2.68 52.73 12.11
CA LEU A 694 3.90 52.19 12.69
C LEU A 694 3.66 50.80 13.27
N VAL A 695 2.55 50.63 13.99
CA VAL A 695 2.24 49.31 14.56
C VAL A 695 2.07 48.29 13.44
N PHE A 696 1.36 48.67 12.38
CA PHE A 696 1.18 47.77 11.25
C PHE A 696 2.52 47.41 10.61
N PHE A 697 3.41 48.39 10.46
CA PHE A 697 4.72 48.12 9.87
C PHE A 697 5.49 47.11 10.72
N ILE A 698 5.52 47.33 12.03
CA ILE A 698 6.28 46.43 12.90
C ILE A 698 5.70 45.02 12.84
N LEU A 699 4.37 44.91 12.96
CA LEU A 699 3.74 43.58 12.98
C LEU A 699 3.94 42.87 11.65
N CYS A 700 3.76 43.58 10.53
CA CYS A 700 3.94 42.97 9.22
C CYS A 700 5.38 42.55 9.00
N THR A 701 6.34 43.36 9.44
CA THR A 701 7.75 42.98 9.31
C THR A 701 8.03 41.72 10.10
N PHE A 702 7.52 41.63 11.33
CA PHE A 702 7.74 40.44 12.13
C PHE A 702 7.12 39.20 11.47
N VAL A 703 5.89 39.34 10.97
CA VAL A 703 5.23 38.22 10.31
C VAL A 703 5.99 37.77 9.08
N GLN A 704 6.42 38.74 8.25
CA GLN A 704 7.14 38.40 7.04
C GLN A 704 8.46 37.71 7.35
N THR A 705 9.19 38.21 8.36
CA THR A 705 10.47 37.61 8.69
C THR A 705 10.30 36.21 9.28
N LEU A 706 9.30 36.01 10.14
CA LEU A 706 9.10 34.74 10.82
C LEU A 706 8.14 33.82 10.07
N GLY A 707 6.91 34.27 9.82
CA GLY A 707 5.94 33.41 9.17
C GLY A 707 6.31 33.06 7.74
N GLY A 708 6.86 34.02 7.00
CA GLY A 708 7.13 33.84 5.59
C GLY A 708 8.41 33.12 5.25
N ARG A 709 9.26 32.81 6.24
CA ARG A 709 10.53 32.15 5.95
C ARG A 709 10.31 30.85 5.20
N TYR A 710 9.45 29.97 5.73
CA TYR A 710 9.18 28.71 5.06
C TYR A 710 8.49 28.94 3.73
N PHE A 711 7.60 29.94 3.66
CA PHE A 711 7.00 30.30 2.38
C PHE A 711 8.08 30.64 1.36
N TYR A 712 9.06 31.45 1.78
CA TYR A 712 10.12 31.87 0.85
C TYR A 712 10.95 30.68 0.39
N VAL A 713 11.33 29.79 1.32
CA VAL A 713 12.18 28.67 0.93
C VAL A 713 11.42 27.71 0.03
N GLN A 714 10.14 27.46 0.32
CA GLN A 714 9.34 26.59 -0.53
C GLN A 714 9.15 27.20 -1.91
N ALA A 715 8.93 28.52 -1.98
CA ALA A 715 8.83 29.17 -3.28
C ALA A 715 10.13 29.07 -4.06
N TYR A 716 11.27 29.25 -3.39
CA TYR A 716 12.56 29.11 -4.06
C TYR A 716 12.73 27.69 -4.60
N LYS A 717 12.34 26.69 -3.81
CA LYS A 717 12.41 25.31 -4.28
C LYS A 717 11.52 25.11 -5.50
N SER A 718 10.32 25.69 -5.48
CA SER A 718 9.41 25.54 -6.61
C SER A 718 9.98 26.17 -7.87
N LEU A 719 10.55 27.38 -7.76
CA LEU A 719 11.22 27.98 -8.91
C LEU A 719 12.38 27.11 -9.38
N LYS A 720 13.15 26.53 -8.47
CA LYS A 720 14.22 25.62 -8.87
C LYS A 720 13.64 24.45 -9.67
N HIS A 721 12.38 24.10 -9.43
CA HIS A 721 11.71 23.03 -10.14
C HIS A 721 11.08 23.49 -11.45
N LYS A 722 11.19 24.78 -11.78
CA LYS A 722 10.62 25.32 -13.01
C LYS A 722 9.10 25.29 -12.98
N ALA A 723 8.54 25.49 -11.78
CA ALA A 723 7.09 25.52 -11.59
C ALA A 723 6.73 26.60 -10.58
N THR A 724 5.55 27.18 -10.75
CA THR A 724 5.01 28.18 -9.83
C THR A 724 3.77 27.61 -9.18
N ASN A 725 3.73 27.65 -7.85
CA ASN A 725 2.64 27.08 -7.07
C ASN A 725 2.09 28.14 -6.12
N MET A 726 1.23 27.70 -5.20
CA MET A 726 0.60 28.62 -4.26
C MET A 726 1.65 29.39 -3.46
N ASP A 727 2.73 28.72 -3.07
CA ASP A 727 3.77 29.38 -2.29
C ASP A 727 4.37 30.54 -3.07
N VAL A 728 4.63 30.34 -4.36
CA VAL A 728 5.18 31.41 -5.18
C VAL A 728 4.20 32.57 -5.27
N LEU A 729 2.91 32.26 -5.47
CA LEU A 729 1.89 33.30 -5.53
C LEU A 729 1.89 34.14 -4.26
N ILE A 730 1.84 33.48 -3.10
CA ILE A 730 1.77 34.20 -1.84
C ILE A 730 3.04 35.02 -1.62
N VAL A 731 4.20 34.42 -1.89
CA VAL A 731 5.46 35.14 -1.69
C VAL A 731 5.49 36.39 -2.56
N LEU A 732 5.16 36.25 -3.84
CA LEU A 732 5.18 37.40 -4.75
C LEU A 732 4.24 38.50 -4.26
N ALA A 733 2.98 38.15 -3.98
CA ALA A 733 2.01 39.16 -3.61
C ALA A 733 2.39 39.86 -2.31
N THR A 734 2.75 39.08 -1.29
CA THR A 734 3.09 39.66 0.01
C THR A 734 4.33 40.52 -0.08
N THR A 735 5.36 40.06 -0.81
CA THR A 735 6.57 40.86 -0.94
C THR A 735 6.29 42.16 -1.66
N ILE A 736 5.48 42.11 -2.74
CA ILE A 736 5.16 43.34 -3.46
C ILE A 736 4.42 44.31 -2.54
N ALA A 737 3.42 43.81 -1.81
CA ALA A 737 2.64 44.69 -0.94
C ALA A 737 3.53 45.32 0.13
N TYR A 738 4.37 44.50 0.78
CA TYR A 738 5.23 45.03 1.84
C TYR A 738 6.22 46.05 1.29
N ILE A 739 6.83 45.76 0.14
CA ILE A 739 7.79 46.69 -0.44
C ILE A 739 7.12 48.00 -0.78
N TYR A 740 5.93 47.95 -1.39
CA TYR A 740 5.24 49.18 -1.76
C TYR A 740 4.86 49.98 -0.52
N SER A 741 4.38 49.30 0.52
CA SER A 741 4.02 50.01 1.75
C SER A 741 5.24 50.70 2.35
N VAL A 742 6.38 49.99 2.43
CA VAL A 742 7.59 50.59 2.97
C VAL A 742 8.01 51.78 2.12
N VAL A 743 7.93 51.66 0.79
CA VAL A 743 8.37 52.73 -0.09
C VAL A 743 7.50 53.97 0.10
N ILE A 744 6.18 53.78 0.16
CA ILE A 744 5.30 54.94 0.28
C ILE A 744 5.48 55.60 1.65
N LEU A 745 5.69 54.79 2.70
CA LEU A 745 5.95 55.38 4.00
C LEU A 745 7.26 56.17 3.99
N THR A 746 8.28 55.64 3.32
CA THR A 746 9.56 56.34 3.27
C THR A 746 9.45 57.67 2.53
N VAL A 747 8.75 57.66 1.38
CA VAL A 747 8.62 58.91 0.63
C VAL A 747 7.75 59.90 1.38
N ALA A 748 6.74 59.41 2.11
CA ALA A 748 5.94 60.31 2.94
C ALA A 748 6.80 60.94 4.02
N MET A 749 7.69 60.16 4.64
CA MET A 749 8.59 60.71 5.64
C MET A 749 9.51 61.76 5.04
N VAL A 750 10.07 61.47 3.85
CA VAL A 750 11.05 62.37 3.26
C VAL A 750 10.39 63.71 2.92
N GLU A 751 9.16 63.68 2.39
CA GLU A 751 8.45 64.88 1.98
C GLU A 751 7.65 65.51 3.12
N LYS A 752 7.66 64.91 4.30
CA LYS A 752 6.92 65.43 5.45
C LYS A 752 5.46 65.67 5.09
N ALA A 753 4.83 64.64 4.51
CA ALA A 753 3.44 64.74 4.11
C ALA A 753 2.54 64.92 5.33
N ASP A 754 1.48 65.71 5.15
CA ASP A 754 0.56 65.99 6.25
C ASP A 754 -0.17 64.72 6.68
N LYS A 755 -0.61 63.91 5.72
CA LYS A 755 -1.40 62.71 6.00
C LYS A 755 -0.61 61.48 5.61
N SER A 756 -0.67 60.46 6.47
CA SER A 756 0.03 59.21 6.20
C SER A 756 -0.66 58.44 5.08
N PRO A 757 0.07 57.94 4.09
CA PRO A 757 -0.57 57.21 3.00
C PRO A 757 -1.10 55.86 3.45
N GLU A 758 -2.12 55.38 2.74
CA GLU A 758 -2.67 54.06 3.02
C GLU A 758 -1.64 52.98 2.71
N THR A 759 -1.57 51.98 3.58
CA THR A 759 -0.59 50.91 3.46
C THR A 759 -1.29 49.55 3.40
N PHE A 760 -0.59 48.58 2.81
CA PHE A 760 -1.12 47.23 2.66
C PHE A 760 -0.43 46.24 3.59
N PHE A 761 -0.03 46.68 4.78
CA PHE A 761 0.59 45.77 5.74
C PHE A 761 -0.41 44.75 6.25
N ASP A 762 -1.72 44.99 6.04
CA ASP A 762 -2.73 44.03 6.45
C ASP A 762 -2.62 42.73 5.65
N THR A 763 -2.36 42.84 4.34
CA THR A 763 -2.48 41.67 3.47
C THR A 763 -1.49 40.56 3.81
N PRO A 764 -0.19 40.81 3.98
CA PRO A 764 0.76 39.70 4.12
C PRO A 764 0.44 38.84 5.32
N PRO A 765 0.20 39.42 6.50
CA PRO A 765 -0.16 38.57 7.65
C PRO A 765 -1.38 37.71 7.38
N MET A 766 -2.39 38.27 6.72
CA MET A 766 -3.63 37.53 6.47
C MET A 766 -3.38 36.32 5.57
N LEU A 767 -2.73 36.55 4.43
CA LEU A 767 -2.46 35.46 3.49
C LEU A 767 -1.55 34.42 4.11
N PHE A 768 -0.50 34.86 4.81
CA PHE A 768 0.37 33.90 5.48
C PHE A 768 -0.41 33.07 6.47
N MET A 769 -1.23 33.71 7.31
CA MET A 769 -2.11 33.01 8.23
C MET A 769 -2.85 31.89 7.52
N PHE A 770 -3.68 32.24 6.55
CA PHE A 770 -4.64 31.27 6.03
C PHE A 770 -3.95 30.22 5.17
N ILE A 771 -2.95 30.61 4.36
CA ILE A 771 -2.28 29.65 3.51
C ILE A 771 -1.44 28.69 4.34
N ALA A 772 -0.79 29.17 5.40
CA ALA A 772 -0.06 28.29 6.29
C ALA A 772 -1.00 27.31 6.97
N LEU A 773 -2.17 27.78 7.40
CA LEU A 773 -3.14 26.86 8.00
C LEU A 773 -3.56 25.78 7.00
N GLY A 774 -3.84 26.19 5.75
CA GLY A 774 -4.23 25.22 4.75
C GLY A 774 -3.14 24.20 4.46
N ARG A 775 -1.89 24.66 4.32
CA ARG A 775 -0.79 23.75 4.07
C ARG A 775 -0.59 22.79 5.23
N TRP A 776 -0.69 23.30 6.46
CA TRP A 776 -0.54 22.44 7.63
C TRP A 776 -1.61 21.37 7.67
N LEU A 777 -2.86 21.75 7.40
CA LEU A 777 -3.93 20.75 7.35
C LEU A 777 -3.71 19.75 6.24
N GLU A 778 -3.23 20.20 5.08
CA GLU A 778 -2.96 19.29 3.97
C GLU A 778 -1.91 18.27 4.37
N HIS A 779 -0.83 18.73 5.01
CA HIS A 779 0.24 17.81 5.40
C HIS A 779 -0.22 16.86 6.50
N ILE A 780 -1.07 17.32 7.42
CA ILE A 780 -1.65 16.42 8.41
C ILE A 780 -2.46 15.34 7.72
N ALA A 781 -3.29 15.73 6.75
CA ALA A 781 -4.14 14.75 6.07
C ALA A 781 -3.31 13.75 5.28
N LYS A 782 -2.26 14.22 4.61
CA LYS A 782 -1.47 13.32 3.76
C LYS A 782 -0.68 12.32 4.59
N SER A 783 -0.35 12.66 5.83
CA SER A 783 0.52 11.81 6.64
C SER A 783 -0.08 10.43 6.82
N LYS A 784 0.76 9.41 6.62
CA LYS A 784 0.38 8.03 6.88
C LYS A 784 1.61 7.24 7.27
N THR A 785 1.40 6.15 8.00
CA THR A 785 2.48 5.27 8.44
C THR A 785 2.34 3.92 7.75
N SER A 786 3.39 3.51 7.04
CA SER A 786 3.41 2.23 6.34
C SER A 786 4.39 1.30 7.06
N GLU A 787 3.85 0.28 7.72
CA GLU A 787 4.64 -0.68 8.46
C GLU A 787 4.61 -2.08 7.85
N ALA A 788 4.24 -2.19 6.57
CA ALA A 788 4.23 -3.50 5.93
C ALA A 788 5.62 -4.10 5.88
N LEU A 789 6.64 -3.27 5.67
CA LEU A 789 8.02 -3.76 5.66
C LEU A 789 8.39 -4.35 7.01
N ALA A 790 8.01 -3.68 8.10
CA ALA A 790 8.30 -4.20 9.43
C ALA A 790 7.60 -5.54 9.66
N LYS A 791 6.35 -5.65 9.20
CA LYS A 791 5.62 -6.91 9.36
C LYS A 791 6.30 -8.03 8.58
N LEU A 792 6.71 -7.75 7.34
CA LEU A 792 7.39 -8.77 6.55
C LEU A 792 8.70 -9.19 7.20
N ILE A 793 9.46 -8.23 7.72
CA ILE A 793 10.70 -8.57 8.41
C ILE A 793 10.40 -9.40 9.65
N SER A 794 9.26 -9.14 10.29
CA SER A 794 8.86 -9.92 11.46
C SER A 794 8.52 -11.35 11.06
N LEU A 795 7.99 -11.54 9.85
CA LEU A 795 7.62 -12.89 9.42
C LEU A 795 8.82 -13.83 9.40
N GLN A 796 9.98 -13.35 8.96
CA GLN A 796 11.15 -14.22 8.83
C GLN A 796 11.59 -14.73 10.20
N ALA A 797 12.14 -15.94 10.21
CA ALA A 797 12.59 -16.56 11.44
C ALA A 797 13.80 -15.83 11.99
N THR A 798 13.84 -15.67 13.32
CA THR A 798 14.96 -14.96 13.95
C THR A 798 16.22 -15.81 13.97
N GLU A 799 16.09 -17.10 14.29
CA GLU A 799 17.24 -17.97 14.46
C GLU A 799 16.95 -19.33 13.83
N ALA A 800 18.01 -20.12 13.67
CA ALA A 800 17.91 -21.46 13.10
C ALA A 800 18.77 -22.42 13.93
N ALA A 801 18.35 -23.68 13.94
CA ALA A 801 19.06 -24.74 14.67
C ALA A 801 19.94 -25.49 13.68
N VAL A 802 21.19 -25.04 13.57
CA VAL A 802 22.12 -25.69 12.66
C VAL A 802 22.57 -27.02 13.23
N VAL A 803 22.64 -28.02 12.37
CA VAL A 803 23.05 -29.38 12.73
C VAL A 803 24.35 -29.68 12.00
N THR A 804 25.38 -30.06 12.76
CA THR A 804 26.67 -30.38 12.18
C THR A 804 26.66 -31.80 11.61
N PHE A 805 27.66 -32.10 10.79
CA PHE A 805 27.77 -33.40 10.12
C PHE A 805 26.51 -33.57 9.27
N GLY A 806 25.71 -34.61 9.48
CA GLY A 806 24.50 -34.82 8.70
C GLY A 806 23.43 -35.51 9.53
N ALA A 807 22.33 -35.82 8.85
CA ALA A 807 21.22 -36.53 9.47
C ALA A 807 21.42 -38.04 9.52
N ASN A 808 22.55 -38.53 9.00
CA ASN A 808 22.83 -39.95 8.93
C ASN A 808 23.41 -40.41 10.27
N GLN A 809 24.00 -41.60 10.37
CA GLN A 809 24.38 -42.17 11.67
C GLN A 809 25.21 -41.22 12.53
N ILE A 810 25.86 -40.22 11.94
CA ILE A 810 26.70 -39.28 12.68
C ILE A 810 25.91 -38.00 12.89
N ILE A 811 25.61 -37.69 14.15
CA ILE A 811 25.05 -36.40 14.53
C ILE A 811 25.78 -35.92 15.77
N LEU A 812 26.77 -35.04 15.59
CA LEU A 812 27.68 -34.71 16.68
C LEU A 812 27.08 -33.66 17.61
N ARG A 813 26.76 -32.48 17.10
CA ARG A 813 26.34 -31.38 17.93
C ARG A 813 25.37 -30.48 17.17
N GLU A 814 24.62 -29.69 17.92
CA GLU A 814 23.67 -28.72 17.38
C GLU A 814 24.00 -27.35 17.92
N GLU A 815 23.71 -26.31 17.13
CA GLU A 815 23.93 -24.93 17.53
C GLU A 815 22.73 -24.08 17.16
N GLN A 816 22.56 -22.98 17.89
CA GLN A 816 21.58 -21.96 17.57
C GLN A 816 22.30 -20.78 16.94
N VAL A 817 21.98 -20.48 15.68
CA VAL A 817 22.70 -19.46 14.92
C VAL A 817 21.69 -18.53 14.25
N ALA A 818 22.01 -17.24 14.23
CA ALA A 818 21.14 -16.28 13.56
C ALA A 818 20.98 -16.63 12.09
N VAL A 819 19.75 -16.48 11.59
CA VAL A 819 19.48 -16.82 10.19
C VAL A 819 20.38 -16.02 9.27
N GLU A 820 20.74 -14.80 9.65
CA GLU A 820 21.64 -14.00 8.82
C GLU A 820 23.00 -14.66 8.69
N LEU A 821 23.50 -15.24 9.78
CA LEU A 821 24.79 -15.91 9.75
C LEU A 821 24.74 -17.29 9.10
N VAL A 822 23.55 -17.87 8.95
CA VAL A 822 23.44 -19.18 8.31
C VAL A 822 23.91 -19.07 6.86
N GLN A 823 24.68 -20.08 6.43
CA GLN A 823 25.16 -20.15 5.06
C GLN A 823 24.66 -21.44 4.41
N ARG A 824 24.62 -21.40 3.08
CA ARG A 824 24.22 -22.57 2.31
C ARG A 824 25.03 -23.79 2.70
N GLY A 825 24.43 -24.96 2.51
CA GLY A 825 25.12 -26.21 2.76
C GLY A 825 25.07 -26.69 4.19
N ASP A 826 24.35 -26.00 5.07
CA ASP A 826 24.27 -26.35 6.48
C ASP A 826 22.90 -26.96 6.76
N ILE A 827 22.91 -28.13 7.40
CA ILE A 827 21.65 -28.79 7.76
C ILE A 827 21.06 -28.08 8.97
N VAL A 828 19.80 -27.66 8.84
CA VAL A 828 19.09 -26.96 9.91
C VAL A 828 17.88 -27.79 10.29
N LYS A 829 17.70 -27.99 11.60
CA LYS A 829 16.56 -28.75 12.12
C LYS A 829 15.45 -27.78 12.48
N VAL A 830 14.29 -27.94 11.85
CA VAL A 830 13.11 -27.14 12.14
C VAL A 830 12.14 -28.04 12.91
N VAL A 831 11.70 -27.56 14.07
CA VAL A 831 10.84 -28.33 14.96
C VAL A 831 9.39 -27.97 14.66
N PRO A 832 8.42 -28.82 15.02
CA PRO A 832 7.02 -28.49 14.74
C PRO A 832 6.64 -27.18 15.39
N GLY A 833 5.85 -26.38 14.67
CA GLY A 833 5.47 -25.07 15.13
C GLY A 833 6.53 -24.00 14.94
N GLY A 834 7.66 -24.33 14.33
CA GLY A 834 8.74 -23.39 14.13
C GLY A 834 8.82 -22.95 12.67
N LYS A 835 9.12 -21.66 12.48
CA LYS A 835 9.22 -21.13 11.12
C LYS A 835 10.41 -21.74 10.39
N PHE A 836 10.24 -21.93 9.10
CA PHE A 836 11.34 -22.41 8.27
C PHE A 836 12.38 -21.30 8.12
N PRO A 837 13.63 -21.51 8.51
CA PRO A 837 14.59 -20.39 8.50
C PRO A 837 15.01 -20.00 7.08
N VAL A 838 15.31 -20.97 6.22
CA VAL A 838 15.80 -20.69 4.88
C VAL A 838 15.15 -21.65 3.90
N ASP A 839 15.16 -21.27 2.62
CA ASP A 839 14.70 -22.16 1.57
C ASP A 839 15.69 -23.32 1.44
N GLY A 840 15.17 -24.51 1.20
CA GLY A 840 16.06 -25.66 1.10
C GLY A 840 15.32 -26.92 0.73
N LYS A 841 16.09 -28.01 0.69
CA LYS A 841 15.58 -29.33 0.36
C LYS A 841 15.46 -30.15 1.65
N VAL A 842 14.31 -30.82 1.81
CA VAL A 842 14.10 -31.64 2.99
C VAL A 842 14.88 -32.94 2.85
N ILE A 843 15.66 -33.28 3.88
CA ILE A 843 16.43 -34.52 3.92
C ILE A 843 16.06 -35.27 5.19
N GLU A 844 15.65 -36.52 5.04
CA GLU A 844 15.32 -37.38 6.18
C GLU A 844 14.28 -36.72 7.09
N GLY A 845 13.24 -36.17 6.48
CA GLY A 845 12.18 -35.53 7.23
C GLY A 845 10.88 -35.53 6.47
N THR A 846 9.78 -35.71 7.20
CA THR A 846 8.43 -35.69 6.65
C THR A 846 7.53 -34.90 7.59
N SER A 847 6.78 -33.96 7.04
CA SER A 847 5.94 -33.08 7.87
C SER A 847 4.96 -32.35 6.96
N MET A 848 4.29 -31.33 7.51
CA MET A 848 3.40 -30.47 6.75
C MET A 848 3.85 -29.02 6.91
N ALA A 849 3.61 -28.21 5.89
CA ALA A 849 4.01 -26.82 5.90
C ALA A 849 2.87 -25.95 5.39
N ASP A 850 2.76 -24.75 5.95
CA ASP A 850 1.79 -23.76 5.52
C ASP A 850 2.49 -22.73 4.64
N GLU A 851 2.08 -22.67 3.38
CA GLU A 851 2.71 -21.79 2.38
C GLU A 851 1.80 -20.62 2.01
N SER A 852 1.06 -20.09 2.98
CA SER A 852 0.14 -19.00 2.69
C SER A 852 0.86 -17.74 2.23
N LEU A 853 2.17 -17.64 2.52
CA LEU A 853 2.91 -16.44 2.11
C LEU A 853 2.95 -16.31 0.60
N ILE A 854 3.13 -17.42 -0.11
CA ILE A 854 3.29 -17.41 -1.56
C ILE A 854 1.98 -17.78 -2.23
N THR A 855 1.48 -18.99 -1.95
CA THR A 855 0.31 -19.49 -2.66
C THR A 855 -0.97 -18.83 -2.15
N GLY A 856 -1.03 -18.51 -0.86
CA GLY A 856 -2.13 -17.75 -0.31
C GLY A 856 -3.23 -18.57 0.33
N GLU A 857 -3.25 -19.90 0.15
CA GLU A 857 -4.32 -20.70 0.73
C GLU A 857 -3.88 -21.34 2.04
N PRO A 858 -4.83 -21.64 2.94
CA PRO A 858 -4.49 -22.23 4.23
C PRO A 858 -4.32 -23.75 4.21
N MET A 859 -4.55 -24.40 3.09
CA MET A 859 -4.44 -25.85 3.05
C MET A 859 -2.99 -26.26 3.31
N PRO A 860 -2.74 -27.15 4.29
CA PRO A 860 -1.37 -27.61 4.51
C PRO A 860 -0.85 -28.39 3.32
N VAL A 861 0.47 -28.30 3.12
CA VAL A 861 1.14 -28.95 1.99
C VAL A 861 2.15 -29.95 2.55
N ARG A 862 2.11 -31.17 2.03
CA ARG A 862 2.99 -32.22 2.51
C ARG A 862 4.43 -31.93 2.14
N LYS A 863 5.36 -32.37 3.01
CA LYS A 863 6.79 -32.23 2.77
C LYS A 863 7.44 -33.58 3.04
N LYS A 864 8.15 -34.09 2.05
CA LYS A 864 8.83 -35.38 2.08
C LYS A 864 10.26 -35.17 1.64
N PRO A 865 11.14 -36.13 1.91
CA PRO A 865 12.53 -35.99 1.43
C PRO A 865 12.56 -35.78 -0.07
N GLY A 866 13.41 -34.85 -0.50
CA GLY A 866 13.46 -34.43 -1.89
C GLY A 866 12.57 -33.26 -2.22
N SER A 867 11.71 -32.85 -1.29
CA SER A 867 10.83 -31.71 -1.50
C SER A 867 11.56 -30.40 -1.16
N MET A 868 10.90 -29.29 -1.45
CA MET A 868 11.45 -27.96 -1.21
C MET A 868 10.54 -27.19 -0.26
N VAL A 869 11.15 -26.27 0.48
CA VAL A 869 10.44 -25.45 1.45
C VAL A 869 10.76 -23.98 1.18
N ILE A 870 9.85 -23.11 1.64
CA ILE A 870 9.99 -21.67 1.47
C ILE A 870 10.22 -21.02 2.83
N ALA A 871 11.14 -20.08 2.89
CA ALA A 871 11.45 -19.39 4.14
C ALA A 871 10.21 -18.66 4.66
N GLY A 872 10.03 -18.70 5.97
CA GLY A 872 8.90 -18.07 6.62
C GLY A 872 7.67 -18.93 6.75
N SER A 873 7.68 -20.13 6.16
CA SER A 873 6.54 -21.03 6.27
C SER A 873 6.45 -21.61 7.68
N ILE A 874 5.23 -21.96 8.08
CA ILE A 874 4.96 -22.52 9.39
C ILE A 874 4.92 -24.04 9.28
N ASN A 875 5.75 -24.72 10.07
CA ASN A 875 5.84 -26.17 10.02
C ASN A 875 4.87 -26.80 11.02
N ALA A 876 4.59 -28.09 10.79
CA ALA A 876 3.77 -28.85 11.72
C ALA A 876 3.89 -30.33 11.36
N HIS A 877 3.32 -31.17 12.22
CA HIS A 877 3.22 -32.63 12.10
C HIS A 877 4.52 -33.32 12.48
N GLY A 878 5.58 -32.60 12.80
CA GLY A 878 6.81 -33.23 13.26
C GLY A 878 8.02 -32.39 12.90
N THR A 879 9.18 -32.91 13.27
CA THR A 879 10.45 -32.26 13.00
C THR A 879 10.94 -32.58 11.60
N VAL A 880 11.73 -31.68 11.04
CA VAL A 880 12.30 -31.83 9.70
C VAL A 880 13.74 -31.34 9.72
N LEU A 881 14.55 -31.86 8.80
CA LEU A 881 15.90 -31.37 8.58
C LEU A 881 15.99 -30.87 7.14
N VAL A 882 16.56 -29.68 6.96
CA VAL A 882 16.57 -28.99 5.68
C VAL A 882 18.00 -28.61 5.33
N GLU A 883 18.41 -28.91 4.11
CA GLU A 883 19.68 -28.44 3.56
C GLU A 883 19.42 -27.16 2.78
N ALA A 884 20.09 -26.08 3.18
CA ALA A 884 19.78 -24.77 2.63
C ALA A 884 20.22 -24.66 1.18
N THR A 885 19.43 -23.90 0.40
CA THR A 885 19.73 -23.61 -0.99
C THR A 885 19.70 -22.11 -1.28
N HIS A 886 18.83 -21.35 -0.62
CA HIS A 886 18.79 -19.90 -0.74
C HIS A 886 18.66 -19.29 0.66
N VAL A 887 19.50 -18.30 0.94
CA VAL A 887 19.55 -17.65 2.24
C VAL A 887 19.58 -16.14 2.04
N GLY A 888 19.16 -15.42 3.07
CA GLY A 888 19.21 -13.96 3.02
C GLY A 888 18.31 -13.40 1.94
N SER A 889 18.87 -12.49 1.13
CA SER A 889 18.07 -11.81 0.12
C SER A 889 17.50 -12.79 -0.91
N GLU A 890 18.19 -13.90 -1.14
CA GLU A 890 17.74 -14.87 -2.14
C GLU A 890 16.46 -15.58 -1.73
N THR A 891 16.03 -15.46 -0.48
CA THR A 891 14.80 -16.11 -0.05
C THR A 891 13.58 -15.48 -0.71
N THR A 892 12.52 -16.28 -0.84
CA THR A 892 11.31 -15.79 -1.49
C THR A 892 10.69 -14.64 -0.70
N LEU A 893 10.69 -14.75 0.64
CA LEU A 893 10.15 -13.67 1.45
C LEU A 893 10.95 -12.39 1.27
N ALA A 894 12.27 -12.50 1.16
CA ALA A 894 13.10 -11.32 0.89
C ALA A 894 12.76 -10.73 -0.47
N GLN A 895 12.45 -11.57 -1.45
CA GLN A 895 12.06 -11.08 -2.76
C GLN A 895 10.72 -10.35 -2.70
N ILE A 896 9.79 -10.87 -1.89
CA ILE A 896 8.52 -10.17 -1.68
C ILE A 896 8.77 -8.81 -1.03
N VAL A 897 9.68 -8.77 -0.06
CA VAL A 897 10.05 -7.50 0.57
C VAL A 897 10.60 -6.53 -0.47
N LYS A 898 11.47 -7.02 -1.35
CA LYS A 898 12.02 -6.18 -2.39
C LYS A 898 10.94 -5.65 -3.31
N LEU A 899 9.98 -6.50 -3.68
CA LEU A 899 8.88 -6.06 -4.54
C LEU A 899 8.05 -4.99 -3.84
N VAL A 900 7.78 -5.17 -2.54
CA VAL A 900 7.01 -4.16 -1.81
C VAL A 900 7.76 -2.85 -1.77
N GLU A 901 9.08 -2.90 -1.52
CA GLU A 901 9.87 -1.68 -1.52
C GLU A 901 9.82 -0.99 -2.87
N GLU A 902 9.96 -1.76 -3.95
CA GLU A 902 9.93 -1.18 -5.29
C GLU A 902 8.58 -0.53 -5.57
N ALA A 903 7.49 -1.21 -5.20
CA ALA A 903 6.17 -0.67 -5.43
C ALA A 903 5.96 0.62 -4.64
N GLN A 904 6.38 0.63 -3.38
CA GLN A 904 6.20 1.83 -2.56
C GLN A 904 7.02 3.00 -3.09
N MET A 905 8.25 2.73 -3.52
CA MET A 905 9.10 3.81 -4.04
C MET A 905 8.60 4.30 -5.40
N SER A 906 8.00 3.42 -6.18
CA SER A 906 7.54 3.81 -7.51
C SER A 906 6.46 4.88 -7.43
N LYS A 907 5.58 4.80 -6.44
CA LYS A 907 4.49 5.76 -6.31
C LYS A 907 5.06 7.18 -6.21
N ALA A 908 4.48 8.09 -6.99
CA ALA A 908 4.88 9.49 -7.00
C ALA A 908 3.77 10.37 -6.45
N PRO A 909 4.13 11.51 -5.84
CA PRO A 909 3.09 12.39 -5.29
C PRO A 909 2.16 12.91 -6.39
N ILE A 910 0.89 13.04 -6.04
CA ILE A 910 -0.12 13.57 -6.96
C ILE A 910 -0.17 15.08 -6.77
N GLN A 911 -0.03 15.81 -7.88
CA GLN A 911 -0.04 17.26 -7.80
C GLN A 911 -1.41 17.76 -7.35
N GLN A 912 -1.41 18.70 -6.40
CA GLN A 912 -2.65 19.24 -5.88
C GLN A 912 -3.31 20.15 -6.92
N LEU A 913 -4.63 20.08 -6.99
CA LEU A 913 -5.38 20.96 -7.89
C LEU A 913 -5.15 22.42 -7.53
N ALA A 914 -4.86 22.71 -6.26
CA ALA A 914 -4.54 24.07 -5.86
C ALA A 914 -3.28 24.55 -6.56
N ASP A 915 -2.25 23.71 -6.63
CA ASP A 915 -1.03 24.08 -7.33
C ASP A 915 -1.29 24.30 -8.82
N LYS A 916 -2.09 23.42 -9.44
CA LYS A 916 -2.42 23.60 -10.84
C LYS A 916 -3.14 24.91 -11.08
N ILE A 917 -4.09 25.25 -10.21
CA ILE A 917 -4.82 26.51 -10.35
C ILE A 917 -3.87 27.69 -10.18
N SER A 918 -2.99 27.63 -9.18
CA SER A 918 -2.06 28.73 -8.93
C SER A 918 -1.11 28.91 -10.10
N GLY A 919 -0.73 27.82 -10.78
CA GLY A 919 0.15 27.94 -11.93
C GLY A 919 -0.43 28.85 -13.00
N TYR A 920 -1.73 28.74 -13.26
CA TYR A 920 -2.38 29.67 -14.19
C TYR A 920 -2.61 31.02 -13.54
N PHE A 921 -2.94 31.03 -12.24
CA PHE A 921 -3.33 32.27 -11.58
C PHE A 921 -2.18 33.27 -11.55
N VAL A 922 -0.97 32.82 -11.24
CA VAL A 922 0.15 33.76 -11.10
C VAL A 922 0.35 34.58 -12.36
N PRO A 923 0.48 33.99 -13.55
CA PRO A 923 0.52 34.83 -14.76
C PRO A 923 -0.71 35.68 -14.92
N PHE A 924 -1.88 35.17 -14.56
CA PHE A 924 -3.11 35.94 -14.71
C PHE A 924 -3.08 37.18 -13.83
N ILE A 925 -2.71 37.03 -12.56
CA ILE A 925 -2.66 38.18 -11.66
C ILE A 925 -1.60 39.17 -12.12
N ILE A 926 -0.45 38.67 -12.57
CA ILE A 926 0.59 39.58 -13.04
C ILE A 926 0.08 40.38 -14.25
N ILE A 927 -0.57 39.70 -15.19
CA ILE A 927 -1.05 40.37 -16.39
C ILE A 927 -2.09 41.41 -16.04
N ILE A 928 -3.05 41.07 -15.18
CA ILE A 928 -4.11 42.02 -14.87
C ILE A 928 -3.55 43.21 -14.08
N SER A 929 -2.59 42.97 -13.19
CA SER A 929 -1.99 44.08 -12.46
C SER A 929 -1.24 45.01 -13.40
N VAL A 930 -0.45 44.46 -14.33
CA VAL A 930 0.28 45.29 -15.27
C VAL A 930 -0.69 46.06 -16.17
N VAL A 931 -1.77 45.40 -16.60
CA VAL A 931 -2.76 46.06 -17.44
C VAL A 931 -3.40 47.22 -16.69
N THR A 932 -3.77 46.99 -15.42
CA THR A 932 -4.37 48.05 -14.63
C THR A 932 -3.41 49.23 -14.48
N LEU A 933 -2.15 48.94 -14.17
CA LEU A 933 -1.16 50.00 -14.02
C LEU A 933 -1.03 50.82 -15.31
N VAL A 934 -0.84 50.14 -16.44
CA VAL A 934 -0.59 50.85 -17.68
C VAL A 934 -1.82 51.64 -18.11
N THR A 935 -3.01 51.04 -17.98
CA THR A 935 -4.21 51.75 -18.40
C THR A 935 -4.47 52.96 -17.53
N TRP A 936 -4.18 52.87 -16.21
CA TRP A 936 -4.37 54.04 -15.36
C TRP A 936 -3.34 55.12 -15.68
N ILE A 937 -2.10 54.74 -15.98
CA ILE A 937 -1.12 55.73 -16.40
C ILE A 937 -1.59 56.44 -17.66
N ILE A 938 -2.10 55.67 -18.62
CA ILE A 938 -2.58 56.26 -19.88
C ILE A 938 -3.74 57.20 -19.61
N ILE A 939 -4.70 56.77 -18.79
CA ILE A 939 -5.86 57.60 -18.50
C ILE A 939 -5.43 58.89 -17.83
N GLY A 940 -4.50 58.80 -16.88
CA GLY A 940 -4.02 60.01 -16.22
C GLY A 940 -3.32 60.95 -17.17
N PHE A 941 -2.48 60.40 -18.06
CA PHE A 941 -1.73 61.24 -18.97
C PHE A 941 -2.64 61.94 -19.99
N VAL A 942 -3.56 61.20 -20.60
CA VAL A 942 -4.35 61.77 -21.69
C VAL A 942 -5.32 62.83 -21.17
N ASN A 943 -6.03 62.55 -20.09
CA ASN A 943 -7.09 63.45 -19.63
C ASN A 943 -6.74 64.08 -18.28
N PHE A 944 -6.49 63.26 -17.27
CA PHE A 944 -6.12 63.70 -15.93
C PHE A 944 -7.31 64.30 -15.18
N ASP A 945 -8.45 64.46 -15.86
CA ASP A 945 -9.65 64.93 -15.18
C ASP A 945 -10.29 63.80 -14.39
N ILE A 946 -10.24 62.58 -14.91
CA ILE A 946 -10.78 61.43 -14.19
C ILE A 946 -10.05 61.26 -12.86
N ILE A 947 -8.73 61.46 -12.86
CA ILE A 947 -7.95 61.34 -11.63
C ILE A 947 -8.40 62.39 -10.63
N ILE A 948 -8.60 63.63 -11.08
CA ILE A 948 -9.07 64.68 -10.18
C ILE A 948 -10.42 64.30 -9.59
N LYS A 949 -11.33 63.80 -10.44
CA LYS A 949 -12.70 63.56 -9.98
C LYS A 949 -12.75 62.41 -8.99
N TYR A 950 -12.09 61.29 -9.29
CA TYR A 950 -12.27 60.07 -8.52
C TYR A 950 -11.22 59.87 -7.42
N PHE A 951 -10.26 60.78 -7.27
CA PHE A 951 -9.24 60.64 -6.25
C PHE A 951 -8.98 61.99 -5.58
N PRO A 952 -8.76 62.01 -4.28
CA PRO A 952 -8.35 63.26 -3.61
C PRO A 952 -6.86 63.56 -3.68
N SER A 953 -6.07 62.66 -4.27
CA SER A 953 -4.62 62.87 -4.35
C SER A 953 -4.27 64.14 -5.12
N TYR A 954 -5.17 64.62 -5.98
CA TYR A 954 -4.90 65.87 -6.71
C TYR A 954 -4.69 67.03 -5.75
N SER A 955 -5.26 66.96 -4.54
CA SER A 955 -5.06 68.02 -3.57
C SER A 955 -3.59 68.17 -3.19
N LYS A 956 -2.81 67.10 -3.35
CA LYS A 956 -1.39 67.17 -3.03
C LYS A 956 -0.68 68.14 -3.96
N ASN A 957 0.40 68.75 -3.46
CA ASN A 957 1.17 69.72 -4.22
C ASN A 957 2.17 69.07 -5.17
N ILE A 958 2.29 67.73 -5.16
CA ILE A 958 3.22 67.07 -6.07
C ILE A 958 2.79 67.31 -7.51
N SER A 959 3.72 67.07 -8.43
CA SER A 959 3.46 67.29 -9.84
C SER A 959 2.39 66.32 -10.33
N LYS A 960 1.74 66.70 -11.44
CA LYS A 960 0.67 65.88 -11.98
C LYS A 960 1.18 64.48 -12.33
N THR A 961 2.38 64.39 -12.89
CA THR A 961 2.94 63.09 -13.26
C THR A 961 3.08 62.19 -12.03
N GLU A 962 3.57 62.76 -10.93
CA GLU A 962 3.67 61.97 -9.70
C GLU A 962 2.29 61.50 -9.25
N VAL A 963 1.29 62.37 -9.34
CA VAL A 963 -0.07 62.00 -8.95
C VAL A 963 -0.53 60.80 -9.76
N ILE A 964 -0.40 60.87 -11.08
CA ILE A 964 -0.94 59.79 -11.92
C ILE A 964 -0.17 58.50 -11.67
N ILE A 965 1.16 58.59 -11.54
CA ILE A 965 1.96 57.40 -11.33
C ILE A 965 1.58 56.74 -10.00
N ARG A 966 1.45 57.54 -8.94
CA ARG A 966 1.11 56.98 -7.64
C ARG A 966 -0.29 56.37 -7.66
N VAL A 967 -1.25 57.04 -8.31
CA VAL A 967 -2.61 56.49 -8.39
C VAL A 967 -2.60 55.17 -9.14
N ALA A 968 -1.89 55.10 -10.27
CA ALA A 968 -1.85 53.87 -11.04
C ALA A 968 -1.21 52.74 -10.24
N PHE A 969 -0.09 53.02 -9.56
CA PHE A 969 0.55 51.99 -8.75
C PHE A 969 -0.36 51.53 -7.63
N GLN A 970 -1.02 52.46 -6.95
CA GLN A 970 -1.91 52.10 -5.86
C GLN A 970 -3.05 51.23 -6.35
N THR A 971 -3.67 51.59 -7.47
CA THR A 971 -4.77 50.81 -8.00
C THR A 971 -4.30 49.42 -8.42
N SER A 972 -3.15 49.33 -9.08
CA SER A 972 -2.63 48.03 -9.50
C SER A 972 -2.36 47.14 -8.30
N ILE A 973 -1.78 47.69 -7.24
CA ILE A 973 -1.46 46.88 -6.07
C ILE A 973 -2.73 46.51 -5.30
N THR A 974 -3.74 47.38 -5.28
CA THR A 974 -5.02 46.99 -4.69
C THR A 974 -5.63 45.82 -5.47
N VAL A 975 -5.57 45.87 -6.79
CA VAL A 975 -6.06 44.76 -7.59
C VAL A 975 -5.28 43.50 -7.28
N LEU A 976 -3.95 43.61 -7.17
CA LEU A 976 -3.13 42.44 -6.84
C LEU A 976 -3.52 41.84 -5.51
N SER A 977 -3.70 42.69 -4.49
CA SER A 977 -4.05 42.20 -3.17
C SER A 977 -5.43 41.54 -3.18
N ILE A 978 -6.40 42.15 -3.86
CA ILE A 978 -7.74 41.60 -3.89
C ILE A 978 -7.77 40.26 -4.62
N ALA A 979 -6.95 40.13 -5.68
CA ALA A 979 -6.99 38.93 -6.51
C ALA A 979 -6.60 37.68 -5.72
N CYS A 980 -5.72 37.84 -4.73
CA CYS A 980 -5.19 36.68 -4.02
C CYS A 980 -6.31 35.94 -3.31
N PRO A 981 -6.47 34.62 -3.56
CA PRO A 981 -7.48 33.86 -2.80
C PRO A 981 -6.93 33.30 -1.50
N CYS A 982 -7.51 33.72 -0.38
CA CYS A 982 -7.01 33.28 0.92
C CYS A 982 -7.45 31.85 1.23
N ALA A 983 -8.64 31.46 0.79
CA ALA A 983 -9.19 30.15 1.09
C ALA A 983 -8.78 29.09 0.08
N LEU A 984 -7.85 29.39 -0.83
CA LEU A 984 -7.44 28.41 -1.83
C LEU A 984 -6.84 27.16 -1.17
N GLY A 985 -6.03 27.36 -0.14
CA GLY A 985 -5.32 26.23 0.46
C GLY A 985 -6.24 25.24 1.14
N LEU A 986 -7.29 25.73 1.80
CA LEU A 986 -8.16 24.90 2.63
C LEU A 986 -9.17 24.08 1.82
N ALA A 987 -9.39 24.42 0.56
CA ALA A 987 -10.48 23.79 -0.20
C ALA A 987 -10.30 22.28 -0.27
N THR A 988 -9.08 21.81 -0.59
CA THR A 988 -8.87 20.37 -0.71
C THR A 988 -8.71 19.71 0.65
N PRO A 989 -7.90 20.24 1.58
CA PRO A 989 -7.77 19.57 2.89
C PRO A 989 -9.08 19.44 3.64
N THR A 990 -9.93 20.47 3.65
CA THR A 990 -11.18 20.38 4.39
C THR A 990 -12.06 19.27 3.83
N ALA A 991 -12.20 19.22 2.50
CA ALA A 991 -13.01 18.17 1.88
C ALA A 991 -12.41 16.80 2.14
N VAL A 992 -11.08 16.68 2.08
CA VAL A 992 -10.44 15.39 2.31
C VAL A 992 -10.70 14.90 3.73
N MET A 993 -10.55 15.78 4.72
CA MET A 993 -10.81 15.39 6.10
C MET A 993 -12.26 15.02 6.31
N VAL A 994 -13.19 15.80 5.75
CA VAL A 994 -14.61 15.47 5.93
C VAL A 994 -14.93 14.13 5.27
N GLY A 995 -14.39 13.88 4.08
CA GLY A 995 -14.64 12.61 3.43
C GLY A 995 -14.05 11.44 4.20
N THR A 996 -12.86 11.63 4.76
CA THR A 996 -12.26 10.58 5.58
C THR A 996 -13.12 10.29 6.80
N GLY A 997 -13.63 11.34 7.45
CA GLY A 997 -14.50 11.13 8.58
C GLY A 997 -15.78 10.40 8.20
N VAL A 998 -16.37 10.77 7.07
CA VAL A 998 -17.58 10.11 6.60
C VAL A 998 -17.31 8.63 6.32
N ALA A 999 -16.19 8.34 5.65
CA ALA A 999 -15.85 6.96 5.35
C ALA A 999 -15.64 6.16 6.63
N ALA A 1000 -14.95 6.75 7.61
CA ALA A 1000 -14.75 6.07 8.88
C ALA A 1000 -16.08 5.80 9.57
N GLN A 1001 -17.00 6.78 9.52
CA GLN A 1001 -18.32 6.56 10.09
C GLN A 1001 -19.05 5.42 9.38
N ASN A 1002 -18.88 5.31 8.07
CA ASN A 1002 -19.53 4.28 7.29
C ASN A 1002 -18.79 2.94 7.34
N GLY A 1003 -17.65 2.87 8.01
CA GLY A 1003 -16.92 1.63 8.16
C GLY A 1003 -15.76 1.42 7.21
N ILE A 1004 -15.30 2.48 6.54
CA ILE A 1004 -14.16 2.40 5.64
C ILE A 1004 -13.05 3.28 6.19
N LEU A 1005 -11.88 2.69 6.43
CA LEU A 1005 -10.73 3.40 6.96
C LEU A 1005 -9.83 3.81 5.79
N ILE A 1006 -9.73 5.10 5.52
CA ILE A 1006 -8.95 5.63 4.42
C ILE A 1006 -7.70 6.29 4.99
N LYS A 1007 -6.53 5.78 4.61
CA LYS A 1007 -5.25 6.32 5.06
C LYS A 1007 -4.74 7.29 4.00
N GLY A 1008 -4.66 8.57 4.37
CA GLY A 1008 -4.28 9.61 3.44
C GLY A 1008 -5.46 10.13 2.63
N GLY A 1009 -5.19 11.20 1.89
CA GLY A 1009 -6.22 11.82 1.07
C GLY A 1009 -6.22 11.35 -0.37
N GLU A 1010 -5.16 10.66 -0.77
CA GLU A 1010 -5.07 10.20 -2.15
C GLU A 1010 -6.20 9.24 -2.54
N PRO A 1011 -6.54 8.23 -1.73
CA PRO A 1011 -7.59 7.30 -2.16
C PRO A 1011 -8.92 7.97 -2.44
N LEU A 1012 -9.29 8.97 -1.66
CA LEU A 1012 -10.56 9.66 -1.88
C LEU A 1012 -10.57 10.38 -3.22
N GLU A 1013 -9.43 10.93 -3.62
CA GLU A 1013 -9.33 11.65 -4.88
C GLU A 1013 -9.03 10.75 -6.06
N MET A 1014 -8.69 9.48 -5.82
CA MET A 1014 -8.29 8.58 -6.89
C MET A 1014 -9.30 7.46 -7.17
N ALA A 1015 -10.14 7.08 -6.21
CA ALA A 1015 -11.03 5.95 -6.41
C ALA A 1015 -11.98 6.16 -7.57
N HIS A 1016 -12.39 7.41 -7.81
CA HIS A 1016 -13.35 7.67 -8.90
C HIS A 1016 -12.72 7.35 -10.26
N LYS A 1017 -11.41 7.49 -10.38
CA LYS A 1017 -10.73 7.20 -11.65
C LYS A 1017 -10.61 5.72 -11.94
N ILE A 1018 -10.93 4.85 -10.97
CA ILE A 1018 -10.72 3.42 -11.17
C ILE A 1018 -11.61 2.91 -12.27
N LYS A 1019 -11.03 2.16 -13.21
CA LYS A 1019 -11.76 1.51 -14.27
C LYS A 1019 -11.50 0.01 -14.35
N ALA A 1020 -10.59 -0.52 -13.53
CA ALA A 1020 -10.30 -1.93 -13.47
C ALA A 1020 -10.06 -2.33 -12.02
N VAL A 1021 -10.69 -3.42 -11.58
CA VAL A 1021 -10.55 -3.92 -10.22
C VAL A 1021 -10.22 -5.41 -10.29
N MET A 1022 -9.18 -5.82 -9.56
CA MET A 1022 -8.79 -7.21 -9.45
C MET A 1022 -9.12 -7.70 -8.06
N PHE A 1023 -9.80 -8.84 -7.98
CA PHE A 1023 -10.27 -9.41 -6.72
C PHE A 1023 -9.52 -10.71 -6.43
N ASP A 1024 -9.01 -10.84 -5.20
CA ASP A 1024 -8.48 -12.11 -4.75
C ASP A 1024 -9.64 -13.09 -4.52
N LYS A 1025 -9.34 -14.37 -4.66
CA LYS A 1025 -10.38 -15.39 -4.54
C LYS A 1025 -10.63 -15.77 -3.09
N THR A 1026 -9.60 -16.26 -2.39
CA THR A 1026 -9.76 -16.69 -1.02
C THR A 1026 -9.86 -15.49 -0.08
N GLY A 1027 -10.86 -15.54 0.80
CA GLY A 1027 -11.07 -14.48 1.77
C GLY A 1027 -11.78 -13.27 1.18
N THR A 1028 -11.20 -12.67 0.15
CA THR A 1028 -11.78 -11.48 -0.44
C THR A 1028 -13.14 -11.76 -1.06
N ILE A 1029 -13.24 -12.83 -1.85
CA ILE A 1029 -14.46 -13.13 -2.59
C ILE A 1029 -15.22 -14.26 -1.91
N THR A 1030 -14.49 -15.17 -1.28
CA THR A 1030 -15.09 -16.34 -0.62
C THR A 1030 -14.56 -16.44 0.79
N HIS A 1031 -15.41 -16.94 1.70
CA HIS A 1031 -15.00 -17.12 3.08
C HIS A 1031 -13.82 -18.07 3.17
N GLY A 1032 -12.81 -17.68 3.96
CA GLY A 1032 -11.61 -18.48 4.05
C GLY A 1032 -11.86 -19.85 4.66
N VAL A 1033 -12.69 -19.92 5.69
CA VAL A 1033 -12.91 -21.20 6.37
C VAL A 1033 -13.62 -22.16 5.43
N PRO A 1034 -13.14 -23.39 5.25
CA PRO A 1034 -13.91 -24.35 4.46
C PRO A 1034 -15.18 -24.77 5.17
N LYS A 1035 -16.23 -25.03 4.40
CA LYS A 1035 -17.54 -25.38 4.94
C LYS A 1035 -18.14 -26.52 4.14
N VAL A 1036 -18.88 -27.39 4.83
CA VAL A 1036 -19.54 -28.50 4.17
C VAL A 1036 -20.62 -27.97 3.25
N MET A 1037 -20.65 -28.47 2.01
CA MET A 1037 -21.60 -28.03 1.01
C MET A 1037 -22.76 -29.02 0.82
N ARG A 1038 -22.46 -30.30 0.64
CA ARG A 1038 -23.50 -31.29 0.39
C ARG A 1038 -23.09 -32.63 0.97
N VAL A 1039 -24.06 -33.31 1.56
CA VAL A 1039 -23.88 -34.66 2.11
C VAL A 1039 -24.88 -35.58 1.44
N LEU A 1040 -24.40 -36.72 0.94
CA LEU A 1040 -25.22 -37.69 0.24
C LEU A 1040 -25.07 -39.05 0.92
N LEU A 1041 -26.10 -39.88 0.73
CA LEU A 1041 -26.12 -41.24 1.27
C LEU A 1041 -25.87 -42.22 0.14
N LEU A 1042 -24.88 -43.09 0.30
CA LEU A 1042 -24.54 -44.07 -0.72
C LEU A 1042 -25.40 -45.32 -0.58
N VAL A 1046 -28.47 -50.18 7.68
CA VAL A 1046 -28.25 -50.12 6.24
C VAL A 1046 -28.82 -48.81 5.69
N LYS A 1047 -29.90 -48.33 6.31
CA LYS A 1047 -30.58 -47.11 5.89
C LYS A 1047 -30.77 -46.20 7.10
N MET A 1048 -29.71 -46.01 7.87
CA MET A 1048 -29.78 -45.21 9.07
C MET A 1048 -30.05 -43.74 8.73
N PRO A 1049 -30.62 -42.99 9.67
CA PRO A 1049 -30.85 -41.56 9.42
C PRO A 1049 -29.54 -40.82 9.15
N LEU A 1050 -29.63 -39.81 8.29
CA LEU A 1050 -28.44 -39.03 7.95
C LEU A 1050 -27.87 -38.34 9.17
N LYS A 1051 -28.73 -37.84 10.06
CA LYS A 1051 -28.25 -37.14 11.25
C LYS A 1051 -27.43 -38.06 12.14
N ARG A 1052 -27.87 -39.31 12.30
CA ARG A 1052 -27.11 -40.26 13.11
C ARG A 1052 -25.72 -40.49 12.55
N MET A 1053 -25.62 -40.68 11.23
CA MET A 1053 -24.32 -40.87 10.59
C MET A 1053 -23.46 -39.63 10.75
N LEU A 1054 -24.06 -38.44 10.61
CA LEU A 1054 -23.30 -37.21 10.78
C LEU A 1054 -22.76 -37.08 12.19
N ALA A 1055 -23.57 -37.40 13.20
CA ALA A 1055 -23.11 -37.36 14.58
C ALA A 1055 -21.98 -38.36 14.80
N VAL A 1056 -22.13 -39.57 14.25
CA VAL A 1056 -21.08 -40.59 14.40
C VAL A 1056 -19.78 -40.10 13.78
N VAL A 1057 -19.87 -39.50 12.59
CA VAL A 1057 -18.67 -38.99 11.93
C VAL A 1057 -18.05 -37.87 12.76
N GLY A 1058 -18.87 -36.96 13.26
CA GLY A 1058 -18.35 -35.87 14.08
C GLY A 1058 -17.61 -36.38 15.31
N THR A 1059 -18.16 -37.39 15.96
CA THR A 1059 -17.43 -38.03 17.07
C THR A 1059 -16.13 -38.65 16.57
N ALA A 1060 -16.18 -39.32 15.42
CA ALA A 1060 -14.96 -39.90 14.86
C ALA A 1060 -13.97 -38.82 14.45
N GLU A 1061 -14.45 -37.72 13.88
CA GLU A 1061 -13.60 -36.65 13.38
C GLU A 1061 -13.34 -35.56 14.40
N ALA A 1062 -13.79 -35.75 15.65
CA ALA A 1062 -13.62 -34.71 16.65
C ALA A 1062 -12.15 -34.38 16.90
N SER A 1063 -11.31 -35.42 16.98
CA SER A 1063 -9.89 -35.23 17.26
C SER A 1063 -9.06 -34.93 16.02
N SER A 1064 -9.64 -35.04 14.82
CA SER A 1064 -8.88 -34.77 13.61
C SER A 1064 -8.46 -33.31 13.56
N GLU A 1065 -7.20 -33.09 13.15
CA GLU A 1065 -6.64 -31.75 13.03
C GLU A 1065 -6.66 -31.22 11.61
N HIS A 1066 -7.22 -31.97 10.66
CA HIS A 1066 -7.31 -31.49 9.29
C HIS A 1066 -8.38 -30.39 9.20
N PRO A 1067 -8.13 -29.31 8.46
CA PRO A 1067 -9.15 -28.26 8.35
C PRO A 1067 -10.49 -28.78 7.86
N LEU A 1068 -10.47 -29.70 6.89
CA LEU A 1068 -11.70 -30.33 6.45
C LEU A 1068 -12.34 -31.11 7.58
N GLY A 1069 -11.52 -31.69 8.47
CA GLY A 1069 -12.07 -32.40 9.60
C GLY A 1069 -12.86 -31.49 10.54
N MET A 1070 -12.28 -30.34 10.89
CA MET A 1070 -13.02 -29.40 11.72
C MET A 1070 -14.24 -28.86 11.00
N ALA A 1071 -14.14 -28.63 9.70
CA ALA A 1071 -15.32 -28.18 8.95
C ALA A 1071 -16.44 -29.20 9.03
N VAL A 1072 -16.11 -30.48 8.83
CA VAL A 1072 -17.13 -31.53 8.91
C VAL A 1072 -17.72 -31.60 10.31
N THR A 1073 -16.86 -31.55 11.33
CA THR A 1073 -17.36 -31.64 12.70
C THR A 1073 -18.28 -30.47 13.03
N LYS A 1074 -17.92 -29.26 12.62
CA LYS A 1074 -18.77 -28.11 12.92
C LYS A 1074 -20.07 -28.17 12.13
N TYR A 1075 -20.03 -28.66 10.89
CA TYR A 1075 -21.27 -28.83 10.14
C TYR A 1075 -22.19 -29.83 10.82
N CYS A 1076 -21.64 -30.96 11.27
CA CYS A 1076 -22.46 -31.95 11.97
C CYS A 1076 -23.02 -31.37 13.27
N LYS A 1077 -22.21 -30.62 14.01
CA LYS A 1077 -22.69 -30.02 15.25
C LYS A 1077 -23.82 -29.04 14.98
N GLU A 1078 -23.68 -28.23 13.93
CA GLU A 1078 -24.76 -27.29 13.57
C GLU A 1078 -26.03 -28.04 13.18
N GLU A 1079 -25.88 -29.13 12.40
CA GLU A 1079 -27.05 -29.90 12.02
C GLU A 1079 -27.73 -30.52 13.24
N LEU A 1080 -26.95 -31.02 14.19
CA LEU A 1080 -27.47 -31.72 15.35
C LEU A 1080 -27.63 -30.77 16.53
N GLY A 1081 -28.25 -31.28 17.60
CA GLY A 1081 -28.33 -30.52 18.83
C GLY A 1081 -26.97 -30.28 19.45
N THR A 1082 -26.04 -31.20 19.23
CA THR A 1082 -24.64 -31.07 19.67
C THR A 1082 -24.56 -30.64 21.12
N GLU A 1083 -25.38 -31.26 21.98
CA GLU A 1083 -25.29 -31.00 23.42
C GLU A 1083 -23.93 -31.41 23.95
N LEU A 1084 -23.43 -32.58 23.52
CA LEU A 1084 -22.10 -33.03 23.92
C LEU A 1084 -21.73 -34.23 23.06
N LEU A 1085 -20.45 -34.31 22.72
CA LEU A 1085 -19.94 -35.40 21.91
C LEU A 1085 -19.84 -36.68 22.73
N GLY A 1086 -19.89 -37.82 22.04
CA GLY A 1086 -19.82 -39.11 22.70
C GLY A 1086 -18.56 -39.31 23.49
N TYR A 1087 -18.70 -39.76 24.75
CA TYR A 1087 -17.54 -39.98 25.60
C TYR A 1087 -16.64 -41.08 25.05
N CYS A 1088 -17.24 -42.19 24.59
CA CYS A 1088 -16.50 -43.36 24.16
C CYS A 1088 -16.17 -43.25 22.68
N THR A 1089 -14.89 -43.15 22.35
CA THR A 1089 -14.45 -43.09 20.96
C THR A 1089 -12.97 -43.46 20.90
N ASP A 1090 -12.64 -44.30 19.92
CA ASP A 1090 -11.26 -44.69 19.64
C ASP A 1090 -10.89 -44.17 18.25
N PHE A 1091 -9.71 -43.57 18.15
CA PHE A 1091 -9.29 -42.83 16.96
C PHE A 1091 -7.96 -43.40 16.46
N GLN A 1092 -7.82 -43.52 15.14
CA GLN A 1092 -6.56 -43.89 14.51
C GLN A 1092 -6.49 -43.22 13.15
N ALA A 1093 -5.38 -42.54 12.87
CA ALA A 1093 -5.23 -41.76 11.65
C ALA A 1093 -3.95 -42.14 10.93
N VAL A 1094 -4.04 -42.22 9.61
CA VAL A 1094 -2.89 -42.42 8.73
C VAL A 1094 -2.73 -41.15 7.90
N PRO A 1095 -1.54 -40.54 7.84
CA PRO A 1095 -1.42 -39.24 7.18
C PRO A 1095 -1.76 -39.31 5.70
N GLY A 1096 -2.78 -38.55 5.30
CA GLY A 1096 -3.14 -38.44 3.91
C GLY A 1096 -3.67 -39.72 3.29
N CYS A 1097 -4.05 -40.70 4.10
CA CYS A 1097 -4.56 -41.97 3.58
C CYS A 1097 -6.01 -42.17 3.98
N GLY A 1098 -6.29 -42.10 5.28
CA GLY A 1098 -7.62 -42.30 5.80
C GLY A 1098 -7.58 -42.39 7.31
N ILE A 1099 -8.76 -42.47 7.91
CA ILE A 1099 -8.88 -42.54 9.38
C ILE A 1099 -9.90 -43.61 9.74
N SER A 1100 -9.58 -44.40 10.75
CA SER A 1100 -10.45 -45.44 11.27
C SER A 1100 -10.74 -45.19 12.74
N CYS A 1101 -12.02 -45.32 13.12
CA CYS A 1101 -12.43 -45.05 14.48
C CYS A 1101 -13.43 -46.12 14.92
N LYS A 1102 -13.51 -46.30 16.24
CA LYS A 1102 -14.49 -47.18 16.86
C LYS A 1102 -15.37 -46.34 17.78
N VAL A 1103 -16.67 -46.36 17.50
CA VAL A 1103 -17.65 -45.60 18.27
C VAL A 1103 -18.71 -46.58 18.75
N ASN A 1104 -18.80 -46.75 20.07
CA ASN A 1104 -19.81 -47.60 20.70
C ASN A 1104 -20.82 -46.79 21.49
N ASN A 1105 -20.87 -45.48 21.29
CA ASN A 1105 -21.76 -44.59 22.03
C ASN A 1105 -22.87 -44.04 21.14
N ILE A 1106 -23.38 -44.88 20.23
CA ILE A 1106 -24.51 -44.47 19.40
C ILE A 1106 -25.74 -44.18 20.26
N GLU A 1107 -25.80 -44.76 21.46
CA GLU A 1107 -26.90 -44.45 22.36
C GLU A 1107 -26.92 -42.96 22.71
N SER A 1108 -25.74 -42.37 22.91
CA SER A 1108 -25.67 -40.94 23.18
C SER A 1108 -26.22 -40.14 22.01
N VAL A 1109 -25.88 -40.53 20.78
CA VAL A 1109 -26.42 -39.86 19.60
C VAL A 1109 -27.94 -39.98 19.56
N LEU A 1110 -28.45 -41.17 19.85
CA LEU A 1110 -29.90 -41.38 19.84
C LEU A 1110 -30.58 -40.51 20.90
N VAL A 1111 -29.96 -40.39 22.07
CA VAL A 1111 -30.57 -39.61 23.15
C VAL A 1111 -30.74 -38.16 22.74
N GLN A 1112 -29.72 -37.58 22.11
CA GLN A 1112 -29.78 -36.19 21.68
C GLN A 1112 -30.87 -36.01 20.62
N HIS A 1150 -20.71 -50.30 14.57
CA HIS A 1150 -20.11 -49.58 15.69
C HIS A 1150 -18.70 -49.10 15.34
N THR A 1151 -18.43 -48.95 14.04
CA THR A 1151 -17.14 -48.50 13.55
C THR A 1151 -17.35 -47.44 12.47
N VAL A 1152 -16.34 -46.60 12.30
CA VAL A 1152 -16.38 -45.48 11.36
C VAL A 1152 -15.09 -45.51 10.55
N LEU A 1153 -15.20 -45.20 9.26
CA LEU A 1153 -14.04 -45.16 8.38
C LEU A 1153 -14.21 -43.99 7.41
N ILE A 1154 -13.24 -43.09 7.39
CA ILE A 1154 -13.28 -41.92 6.51
C ILE A 1154 -12.11 -42.03 5.55
N GLY A 1155 -12.39 -41.89 4.26
CA GLY A 1155 -11.35 -42.08 3.26
C GLY A 1155 -11.70 -41.55 1.89
N ASN A 1156 -10.70 -41.59 1.01
CA ASN A 1156 -10.84 -41.22 -0.38
C ASN A 1156 -11.02 -42.47 -1.23
N ARG A 1157 -10.94 -42.30 -2.56
CA ARG A 1157 -11.05 -43.46 -3.46
C ARG A 1157 -9.95 -44.47 -3.19
N GLU A 1158 -8.73 -44.00 -2.94
CA GLU A 1158 -7.61 -44.91 -2.69
C GLU A 1158 -7.88 -45.77 -1.46
N TRP A 1159 -8.48 -45.19 -0.43
CA TRP A 1159 -8.79 -45.97 0.76
C TRP A 1159 -9.75 -47.11 0.45
N MET A 1160 -10.81 -46.83 -0.31
CA MET A 1160 -11.74 -47.88 -0.68
C MET A 1160 -11.05 -48.93 -1.54
N ARG A 1161 -10.20 -48.49 -2.48
CA ARG A 1161 -9.54 -49.43 -3.38
C ARG A 1161 -8.61 -50.38 -2.62
N ARG A 1162 -7.83 -49.86 -1.68
CA ARG A 1162 -6.91 -50.73 -0.94
C ARG A 1162 -7.66 -51.57 0.08
N ASN A 1163 -8.72 -51.01 0.68
CA ASN A 1163 -9.51 -51.78 1.64
C ASN A 1163 -10.32 -52.88 0.95
N GLY A 1164 -10.51 -52.77 -0.36
CA GLY A 1164 -11.29 -53.73 -1.10
C GLY A 1164 -12.72 -53.34 -1.36
N LEU A 1165 -13.14 -52.15 -0.96
CA LEU A 1165 -14.50 -51.69 -1.19
C LEU A 1165 -14.61 -51.11 -2.59
N HIS A 1166 -15.53 -51.64 -3.39
CA HIS A 1166 -15.71 -51.19 -4.76
C HIS A 1166 -16.49 -49.89 -4.79
N ILE A 1167 -16.35 -49.18 -5.92
CA ILE A 1167 -17.00 -47.88 -6.13
C ILE A 1167 -18.06 -48.05 -7.21
N SER A 1168 -19.28 -47.64 -6.91
CA SER A 1168 -20.36 -47.74 -7.87
C SER A 1168 -20.22 -46.67 -8.95
N THR A 1169 -20.90 -46.90 -10.08
CA THR A 1169 -20.81 -45.96 -11.19
C THR A 1169 -21.47 -44.62 -10.84
N ASP A 1170 -22.62 -44.65 -10.17
CA ASP A 1170 -23.32 -43.42 -9.85
C ASP A 1170 -22.53 -42.56 -8.86
N VAL A 1171 -22.00 -43.19 -7.80
CA VAL A 1171 -21.19 -42.45 -6.84
C VAL A 1171 -19.92 -41.93 -7.51
N ASP A 1172 -19.36 -42.72 -8.44
CA ASP A 1172 -18.18 -42.26 -9.17
C ASP A 1172 -18.50 -41.03 -10.00
N GLU A 1173 -19.66 -41.02 -10.66
CA GLU A 1173 -20.07 -39.85 -11.44
C GLU A 1173 -20.29 -38.64 -10.53
N ALA A 1174 -20.90 -38.86 -9.36
CA ALA A 1174 -21.11 -37.75 -8.43
C ALA A 1174 -19.77 -37.18 -7.96
N MET A 1175 -18.82 -38.05 -7.64
CA MET A 1175 -17.50 -37.58 -7.22
C MET A 1175 -16.79 -36.86 -8.34
N SER A 1176 -16.95 -37.34 -9.58
CA SER A 1176 -16.35 -36.65 -10.73
C SER A 1176 -16.95 -35.25 -10.88
N SER A 1177 -18.27 -35.12 -10.73
CA SER A 1177 -18.89 -33.81 -10.80
C SER A 1177 -18.38 -32.89 -9.70
N HIS A 1178 -18.25 -33.42 -8.48
CA HIS A 1178 -17.74 -32.60 -7.37
C HIS A 1178 -16.30 -32.15 -7.64
N GLU A 1179 -15.47 -33.06 -8.17
CA GLU A 1179 -14.11 -32.68 -8.53
C GLU A 1179 -14.10 -31.62 -9.62
N MET A 1180 -15.01 -31.74 -10.58
CA MET A 1180 -15.13 -30.72 -11.62
C MET A 1180 -15.46 -29.37 -11.01
N LYS A 1181 -16.36 -29.35 -10.02
CA LYS A 1181 -16.66 -28.10 -9.31
C LYS A 1181 -15.50 -27.64 -8.44
N GLY A 1182 -14.49 -28.49 -8.24
CA GLY A 1182 -13.33 -28.12 -7.45
C GLY A 1182 -13.49 -28.27 -5.96
N GLN A 1183 -14.62 -28.79 -5.48
CA GLN A 1183 -14.86 -28.97 -4.06
C GLN A 1183 -14.36 -30.33 -3.61
N THR A 1184 -13.69 -30.37 -2.45
CA THR A 1184 -13.17 -31.63 -1.94
C THR A 1184 -14.32 -32.52 -1.50
N ALA A 1185 -14.09 -33.84 -1.57
CA ALA A 1185 -15.10 -34.81 -1.18
C ALA A 1185 -14.43 -36.01 -0.53
N VAL A 1186 -15.07 -36.54 0.51
CA VAL A 1186 -14.58 -37.70 1.24
C VAL A 1186 -15.76 -38.62 1.52
N LEU A 1187 -15.47 -39.90 1.77
CA LEU A 1187 -16.52 -40.90 1.94
C LEU A 1187 -16.41 -41.57 3.30
N VAL A 1188 -17.59 -41.87 3.87
CA VAL A 1188 -17.73 -42.49 5.18
C VAL A 1188 -18.33 -43.87 4.99
N ALA A 1189 -17.71 -44.88 5.61
CA ALA A 1189 -18.20 -46.25 5.61
C ALA A 1189 -18.30 -46.74 7.04
N ILE A 1190 -19.33 -47.52 7.34
CA ILE A 1190 -19.55 -48.08 8.67
C ILE A 1190 -19.55 -49.59 8.55
N ASP A 1191 -18.74 -50.25 9.40
CA ASP A 1191 -18.62 -51.71 9.40
C ASP A 1191 -18.16 -52.24 8.05
N GLY A 1192 -17.26 -51.50 7.39
CA GLY A 1192 -16.75 -51.94 6.11
C GLY A 1192 -17.69 -51.78 4.95
N GLU A 1193 -18.81 -51.06 5.15
CA GLU A 1193 -19.80 -50.84 4.10
C GLU A 1193 -19.91 -49.35 3.84
N LEU A 1194 -19.85 -48.97 2.56
CA LEU A 1194 -19.99 -47.57 2.20
C LEU A 1194 -21.34 -47.05 2.65
N CYS A 1195 -21.34 -45.90 3.33
CA CYS A 1195 -22.56 -45.33 3.89
C CYS A 1195 -22.89 -43.96 3.33
N GLY A 1196 -21.91 -43.05 3.22
CA GLY A 1196 -22.21 -41.71 2.78
C GLY A 1196 -21.00 -41.00 2.22
N MET A 1197 -21.24 -39.77 1.77
CA MET A 1197 -20.21 -38.90 1.21
C MET A 1197 -20.46 -37.48 1.67
N ILE A 1198 -19.39 -36.76 1.99
CA ILE A 1198 -19.46 -35.37 2.44
C ILE A 1198 -18.54 -34.54 1.56
N ALA A 1199 -19.05 -33.39 1.12
CA ALA A 1199 -18.29 -32.46 0.27
C ALA A 1199 -18.05 -31.17 1.04
N ILE A 1200 -16.84 -30.64 0.92
CA ILE A 1200 -16.42 -29.40 1.58
C ILE A 1200 -15.84 -28.47 0.53
N ALA A 1201 -16.23 -27.20 0.62
CA ALA A 1201 -15.74 -26.19 -0.32
C ALA A 1201 -15.91 -24.82 0.32
N ASP A 1202 -15.17 -23.85 -0.22
CA ASP A 1202 -15.33 -22.46 0.21
C ASP A 1202 -16.65 -21.90 -0.32
N THR A 1203 -17.29 -21.06 0.49
CA THR A 1203 -18.57 -20.46 0.16
C THR A 1203 -18.36 -19.03 -0.28
N VAL A 1204 -18.85 -18.69 -1.47
CA VAL A 1204 -18.72 -17.33 -1.97
C VAL A 1204 -19.50 -16.38 -1.07
N LYS A 1205 -18.96 -15.18 -0.89
CA LYS A 1205 -19.63 -14.19 -0.06
C LYS A 1205 -20.97 -13.79 -0.67
N GLN A 1206 -21.92 -13.47 0.20
CA GLN A 1206 -23.27 -13.18 -0.26
C GLN A 1206 -23.30 -11.98 -1.19
N GLU A 1207 -22.54 -10.94 -0.88
CA GLU A 1207 -22.56 -9.69 -1.63
C GLU A 1207 -21.51 -9.65 -2.74
N ALA A 1208 -20.74 -10.73 -2.92
CA ALA A 1208 -19.71 -10.73 -3.96
C ALA A 1208 -20.34 -10.60 -5.35
N ALA A 1209 -21.38 -11.39 -5.63
CA ALA A 1209 -22.02 -11.32 -6.94
C ALA A 1209 -22.62 -9.95 -7.19
N LEU A 1210 -23.31 -9.40 -6.19
CA LEU A 1210 -23.92 -8.09 -6.35
C LEU A 1210 -22.86 -7.01 -6.55
N ALA A 1211 -21.77 -7.08 -5.80
CA ALA A 1211 -20.70 -6.10 -5.95
C ALA A 1211 -20.09 -6.17 -7.35
N VAL A 1212 -19.83 -7.39 -7.83
CA VAL A 1212 -19.25 -7.55 -9.16
C VAL A 1212 -20.22 -7.01 -10.22
N HIS A 1213 -21.51 -7.31 -10.07
CA HIS A 1213 -22.48 -6.83 -11.04
C HIS A 1213 -22.55 -5.31 -11.04
N THR A 1214 -22.54 -4.70 -9.85
CA THR A 1214 -22.58 -3.24 -9.78
C THR A 1214 -21.33 -2.64 -10.42
N LEU A 1215 -20.16 -3.22 -10.15
CA LEU A 1215 -18.93 -2.70 -10.75
C LEU A 1215 -18.99 -2.80 -12.27
N LYS A 1216 -19.49 -3.94 -12.79
CA LYS A 1216 -19.60 -4.08 -14.24
C LYS A 1216 -20.59 -3.08 -14.82
N SER A 1217 -21.70 -2.86 -14.13
CA SER A 1217 -22.70 -1.90 -14.61
C SER A 1217 -22.13 -0.49 -14.65
N MET A 1218 -21.30 -0.13 -13.66
CA MET A 1218 -20.68 1.19 -13.63
C MET A 1218 -19.63 1.35 -14.72
N GLY A 1219 -19.27 0.29 -15.42
CA GLY A 1219 -18.24 0.35 -16.45
C GLY A 1219 -16.87 -0.08 -15.99
N ILE A 1220 -16.74 -0.64 -14.80
CA ILE A 1220 -15.45 -1.04 -14.27
C ILE A 1220 -15.20 -2.52 -14.59
N ASP A 1221 -13.98 -2.83 -15.01
CA ASP A 1221 -13.60 -4.20 -15.32
C ASP A 1221 -13.37 -4.98 -14.03
N VAL A 1222 -13.73 -6.27 -14.05
CA VAL A 1222 -13.56 -7.16 -12.92
C VAL A 1222 -12.68 -8.32 -13.35
N VAL A 1223 -11.64 -8.60 -12.56
CA VAL A 1223 -10.70 -9.67 -12.84
C VAL A 1223 -10.47 -10.46 -11.56
N LEU A 1224 -10.46 -11.78 -11.68
CA LEU A 1224 -10.24 -12.68 -10.55
C LEU A 1224 -8.83 -13.25 -10.66
N ILE A 1225 -7.94 -12.75 -9.81
CA ILE A 1225 -6.54 -13.19 -9.78
C ILE A 1225 -6.34 -13.95 -8.48
N THR A 1226 -5.82 -15.17 -8.58
CA THR A 1226 -5.65 -16.02 -7.40
C THR A 1226 -4.53 -17.02 -7.65
N GLY A 1227 -3.99 -17.54 -6.56
CA GLY A 1227 -2.97 -18.56 -6.59
C GLY A 1227 -3.48 -19.98 -6.46
N ASP A 1228 -4.79 -20.18 -6.40
CA ASP A 1228 -5.36 -21.50 -6.23
C ASP A 1228 -5.40 -22.25 -7.55
N ASN A 1229 -5.93 -23.47 -7.49
CA ASN A 1229 -6.03 -24.29 -8.69
C ASN A 1229 -7.01 -23.66 -9.69
N ARG A 1230 -6.79 -23.96 -10.97
CA ARG A 1230 -7.60 -23.34 -12.02
C ARG A 1230 -9.07 -23.71 -11.91
N LYS A 1231 -9.36 -24.97 -11.55
CA LYS A 1231 -10.74 -25.42 -11.51
C LYS A 1231 -11.54 -24.66 -10.45
N THR A 1232 -10.98 -24.53 -9.25
CA THR A 1232 -11.67 -23.81 -8.19
C THR A 1232 -11.85 -22.34 -8.54
N ALA A 1233 -10.83 -21.73 -9.13
CA ALA A 1233 -10.94 -20.34 -9.55
C ALA A 1233 -12.04 -20.17 -10.59
N LYS A 1234 -12.12 -21.08 -11.56
CA LYS A 1234 -13.17 -21.02 -12.56
C LYS A 1234 -14.55 -21.17 -11.95
N ALA A 1235 -14.70 -22.11 -11.00
CA ALA A 1235 -15.98 -22.29 -10.35
C ALA A 1235 -16.38 -21.04 -9.57
N ILE A 1236 -15.44 -20.44 -8.85
CA ILE A 1236 -15.75 -19.24 -8.08
C ILE A 1236 -16.12 -18.09 -9.02
N ALA A 1237 -15.40 -17.96 -10.13
CA ALA A 1237 -15.72 -16.91 -11.10
C ALA A 1237 -17.11 -17.13 -11.68
N THR A 1238 -17.46 -18.38 -12.00
CA THR A 1238 -18.81 -18.67 -12.49
C THR A 1238 -19.86 -18.28 -11.47
N GLN A 1239 -19.62 -18.60 -10.19
CA GLN A 1239 -20.58 -18.26 -9.16
C GLN A 1239 -20.72 -16.74 -9.01
N VAL A 1240 -19.60 -16.01 -9.09
CA VAL A 1240 -19.61 -14.56 -8.90
C VAL A 1240 -19.63 -13.82 -10.24
N GLY A 1241 -19.71 -14.54 -11.36
CA GLY A 1241 -19.87 -13.89 -12.65
C GLY A 1241 -18.71 -13.03 -13.10
N ILE A 1242 -17.49 -13.54 -12.98
CA ILE A 1242 -16.29 -12.84 -13.46
C ILE A 1242 -15.80 -13.54 -14.72
N LYS A 1243 -15.65 -12.77 -15.80
CA LYS A 1243 -15.26 -13.36 -17.08
C LYS A 1243 -13.78 -13.71 -17.12
N LYS A 1244 -12.93 -12.86 -16.54
CA LYS A 1244 -11.49 -13.02 -16.62
C LYS A 1244 -10.98 -13.65 -15.32
N VAL A 1245 -10.29 -14.78 -15.45
CA VAL A 1245 -9.80 -15.54 -14.31
C VAL A 1245 -8.32 -15.83 -14.52
N PHE A 1246 -7.52 -15.59 -13.48
CA PHE A 1246 -6.10 -15.92 -13.48
C PHE A 1246 -5.84 -16.86 -12.31
N ALA A 1247 -5.17 -17.98 -12.59
CA ALA A 1247 -4.97 -19.05 -11.62
C ALA A 1247 -3.48 -19.33 -11.45
N GLU A 1248 -3.14 -19.85 -10.28
CA GLU A 1248 -1.75 -20.20 -9.95
C GLU A 1248 -0.83 -19.01 -10.20
N VAL A 1249 -1.25 -17.84 -9.73
CA VAL A 1249 -0.52 -16.60 -9.92
C VAL A 1249 0.38 -16.36 -8.71
N LEU A 1250 1.68 -16.29 -8.94
CA LEU A 1250 2.63 -16.01 -7.89
C LEU A 1250 2.59 -14.53 -7.51
N PRO A 1251 3.13 -14.16 -6.35
CA PRO A 1251 3.07 -12.75 -5.93
C PRO A 1251 3.65 -11.80 -6.96
N SER A 1252 4.74 -12.17 -7.62
CA SER A 1252 5.33 -11.29 -8.64
C SER A 1252 4.42 -11.18 -9.86
N HIS A 1253 3.70 -12.25 -10.19
CA HIS A 1253 2.82 -12.23 -11.34
C HIS A 1253 1.65 -11.27 -11.12
N LYS A 1254 1.18 -11.16 -9.87
CA LYS A 1254 0.13 -10.19 -9.57
C LYS A 1254 0.61 -8.77 -9.83
N VAL A 1255 1.83 -8.45 -9.40
CA VAL A 1255 2.39 -7.13 -9.66
C VAL A 1255 2.59 -6.92 -11.15
N ALA A 1256 2.97 -7.97 -11.87
CA ALA A 1256 3.13 -7.86 -13.32
C ALA A 1256 1.80 -7.54 -13.98
N LYS A 1257 0.71 -8.20 -13.55
CA LYS A 1257 -0.60 -7.88 -14.09
C LYS A 1257 -1.02 -6.45 -13.75
N VAL A 1258 -0.73 -6.01 -12.52
CA VAL A 1258 -1.02 -4.63 -12.16
C VAL A 1258 -0.29 -3.67 -13.09
N GLN A 1259 0.99 -3.94 -13.33
CA GLN A 1259 1.79 -3.07 -14.19
C GLN A 1259 1.26 -3.07 -15.61
N ALA A 1260 0.85 -4.23 -16.12
CA ALA A 1260 0.29 -4.29 -17.47
C ALA A 1260 -1.01 -3.47 -17.56
N LEU A 1261 -1.90 -3.64 -16.58
CA LEU A 1261 -3.15 -2.89 -16.60
C LEU A 1261 -2.89 -1.39 -16.52
N GLN A 1262 -1.92 -0.98 -15.70
CA GLN A 1262 -1.58 0.44 -15.63
C GLN A 1262 -0.94 0.94 -16.92
N SER A 1263 -0.12 0.10 -17.56
CA SER A 1263 0.46 0.48 -18.85
C SER A 1263 -0.62 0.63 -19.90
N ASP A 1264 -1.75 -0.06 -19.74
CA ASP A 1264 -2.90 0.20 -20.60
C ASP A 1264 -3.55 1.54 -20.32
N ASN A 1265 -2.99 2.34 -19.41
CA ASN A 1265 -3.44 3.67 -19.00
C ASN A 1265 -4.62 3.59 -18.04
N LYS A 1266 -5.10 2.39 -17.71
CA LYS A 1266 -6.19 2.25 -16.76
C LYS A 1266 -5.70 2.49 -15.34
N ARG A 1267 -6.64 2.86 -14.47
CA ARG A 1267 -6.37 2.99 -13.04
C ARG A 1267 -6.90 1.74 -12.34
N VAL A 1268 -6.07 1.14 -11.50
CA VAL A 1268 -6.31 -0.19 -10.97
C VAL A 1268 -6.53 -0.13 -9.47
N ALA A 1269 -7.56 -0.84 -9.00
CA ALA A 1269 -7.81 -1.05 -7.58
C ALA A 1269 -7.66 -2.53 -7.29
N MET A 1270 -6.78 -2.86 -6.35
CA MET A 1270 -6.48 -4.23 -5.98
C MET A 1270 -7.07 -4.53 -4.62
N VAL A 1271 -7.89 -5.58 -4.55
CA VAL A 1271 -8.54 -6.00 -3.31
C VAL A 1271 -7.90 -7.32 -2.89
N GLY A 1272 -7.21 -7.32 -1.76
CA GLY A 1272 -6.54 -8.51 -1.29
C GLY A 1272 -6.48 -8.53 0.22
N ASP A 1273 -6.30 -9.73 0.77
CA ASP A 1273 -6.26 -9.93 2.22
C ASP A 1273 -5.14 -10.88 2.63
N GLY A 1274 -4.09 -11.02 1.80
CA GLY A 1274 -3.00 -11.93 2.10
C GLY A 1274 -1.66 -11.26 1.89
N VAL A 1275 -0.61 -11.96 2.34
CA VAL A 1275 0.74 -11.46 2.18
C VAL A 1275 1.11 -11.36 0.70
N ASN A 1276 0.76 -12.39 -0.08
CA ASN A 1276 1.08 -12.36 -1.50
C ASN A 1276 0.42 -11.18 -2.21
N ASP A 1277 -0.71 -10.71 -1.68
CA ASP A 1277 -1.39 -9.56 -2.28
C ASP A 1277 -0.76 -8.23 -1.86
N SER A 1278 0.08 -8.23 -0.83
CA SER A 1278 0.64 -6.96 -0.35
C SER A 1278 1.46 -6.23 -1.41
N PRO A 1279 2.37 -6.87 -2.15
CA PRO A 1279 3.08 -6.11 -3.21
C PRO A 1279 2.15 -5.55 -4.27
N ALA A 1280 1.11 -6.32 -4.64
CA ALA A 1280 0.14 -5.82 -5.61
C ALA A 1280 -0.66 -4.66 -5.03
N LEU A 1281 -1.04 -4.74 -3.76
CA LEU A 1281 -1.74 -3.64 -3.12
C LEU A 1281 -0.89 -2.37 -3.11
N ALA A 1282 0.40 -2.52 -2.79
CA ALA A 1282 1.30 -1.36 -2.81
C ALA A 1282 1.44 -0.79 -4.21
N ARG A 1283 1.59 -1.66 -5.22
CA ARG A 1283 1.77 -1.18 -6.58
C ARG A 1283 0.48 -0.63 -7.16
N ALA A 1284 -0.66 -1.22 -6.79
CA ALA A 1284 -1.93 -0.82 -7.37
C ALA A 1284 -2.21 0.65 -7.06
N ASP A 1285 -2.90 1.31 -7.99
CA ASP A 1285 -3.26 2.71 -7.79
C ASP A 1285 -4.10 2.88 -6.53
N VAL A 1286 -5.03 1.97 -6.29
CA VAL A 1286 -5.81 1.93 -5.05
C VAL A 1286 -5.64 0.54 -4.46
N GLY A 1287 -5.45 0.48 -3.15
CA GLY A 1287 -5.34 -0.80 -2.46
C GLY A 1287 -6.39 -0.94 -1.37
N ILE A 1288 -7.25 -1.95 -1.48
CA ILE A 1288 -8.31 -2.19 -0.52
C ILE A 1288 -8.02 -3.51 0.19
N ALA A 1289 -8.01 -3.48 1.52
CA ALA A 1289 -7.70 -4.64 2.34
C ALA A 1289 -8.91 -5.01 3.18
N ILE A 1290 -9.28 -6.29 3.16
CA ILE A 1290 -10.37 -6.78 3.97
C ILE A 1290 -9.99 -6.69 5.45
N GLY A 1291 -10.96 -6.31 6.28
CA GLY A 1291 -10.66 -6.11 7.69
C GLY A 1291 -10.14 -7.36 8.38
N THR A 1292 -10.51 -8.53 7.89
CA THR A 1292 -10.09 -9.80 8.47
C THR A 1292 -8.81 -10.33 7.86
N GLY A 1293 -8.15 -9.55 6.99
CA GLY A 1293 -6.94 -9.99 6.34
C GLY A 1293 -5.72 -9.91 7.24
N THR A 1294 -4.57 -10.24 6.65
CA THR A 1294 -3.32 -10.24 7.40
C THR A 1294 -2.89 -8.81 7.71
N ASP A 1295 -2.00 -8.68 8.70
CA ASP A 1295 -1.53 -7.37 9.10
C ASP A 1295 -0.77 -6.67 7.97
N VAL A 1296 0.05 -7.41 7.24
CA VAL A 1296 0.83 -6.82 6.16
C VAL A 1296 -0.10 -6.29 5.07
N ALA A 1297 -1.15 -7.04 4.74
CA ALA A 1297 -2.09 -6.57 3.73
C ALA A 1297 -2.79 -5.29 4.17
N ILE A 1298 -3.19 -5.22 5.44
CA ILE A 1298 -3.82 -4.01 5.95
C ILE A 1298 -2.86 -2.83 5.89
N GLU A 1299 -1.60 -3.06 6.28
CA GLU A 1299 -0.63 -1.97 6.27
C GLU A 1299 -0.37 -1.47 4.86
N ALA A 1300 -0.23 -2.38 3.89
CA ALA A 1300 0.06 -1.96 2.53
C ALA A 1300 -1.09 -1.20 1.91
N ALA A 1301 -2.32 -1.65 2.15
CA ALA A 1301 -3.49 -1.03 1.52
C ALA A 1301 -3.71 0.37 2.06
N ASP A 1302 -4.18 1.25 1.17
CA ASP A 1302 -4.55 2.60 1.55
C ASP A 1302 -5.99 2.71 2.04
N ILE A 1303 -6.83 1.71 1.75
CA ILE A 1303 -8.20 1.65 2.22
C ILE A 1303 -8.40 0.29 2.89
N VAL A 1304 -9.09 0.28 4.02
CA VAL A 1304 -9.38 -0.94 4.77
C VAL A 1304 -10.88 -1.01 5.00
N LEU A 1305 -11.46 -2.17 4.70
CA LEU A 1305 -12.89 -2.40 4.90
C LEU A 1305 -13.08 -3.00 6.28
N ILE A 1306 -13.42 -2.15 7.26
CA ILE A 1306 -13.61 -2.64 8.62
C ILE A 1306 -14.81 -3.56 8.69
N ARG A 1307 -15.84 -3.29 7.90
CA ARG A 1307 -17.05 -4.11 7.88
C ARG A 1307 -16.90 -5.36 7.02
N ASN A 1308 -15.73 -5.57 6.41
CA ASN A 1308 -15.44 -6.74 5.60
C ASN A 1308 -16.61 -7.12 4.69
N ASP A 1309 -17.20 -6.10 4.07
CA ASP A 1309 -18.24 -6.27 3.08
C ASP A 1309 -17.75 -5.73 1.74
N LEU A 1310 -17.92 -6.52 0.68
CA LEU A 1310 -17.38 -6.14 -0.61
C LEU A 1310 -18.06 -4.91 -1.18
N LEU A 1311 -19.36 -4.74 -0.94
CA LEU A 1311 -20.08 -3.61 -1.51
C LEU A 1311 -19.48 -2.27 -1.10
N ASP A 1312 -18.83 -2.19 0.06
CA ASP A 1312 -18.22 -0.94 0.46
C ASP A 1312 -17.24 -0.43 -0.59
N VAL A 1313 -16.59 -1.34 -1.33
CA VAL A 1313 -15.69 -0.91 -2.39
C VAL A 1313 -16.43 0.01 -3.35
N VAL A 1314 -17.61 -0.40 -3.80
CA VAL A 1314 -18.42 0.47 -4.65
C VAL A 1314 -18.66 1.80 -3.95
N ALA A 1315 -19.05 1.75 -2.68
CA ALA A 1315 -19.22 2.99 -1.92
C ALA A 1315 -17.92 3.78 -1.90
N SER A 1316 -16.79 3.10 -1.69
CA SER A 1316 -15.51 3.80 -1.67
C SER A 1316 -15.31 4.58 -2.96
N ILE A 1317 -15.88 4.10 -4.06
CA ILE A 1317 -15.86 4.87 -5.30
C ILE A 1317 -16.85 6.02 -5.23
N HIS A 1318 -18.12 5.70 -4.94
CA HIS A 1318 -19.15 6.73 -4.95
C HIS A 1318 -18.80 7.89 -4.02
N LEU A 1319 -18.47 7.58 -2.76
CA LEU A 1319 -18.05 8.63 -1.84
C LEU A 1319 -16.93 9.47 -2.44
N SER A 1320 -15.91 8.82 -3.01
CA SER A 1320 -14.82 9.57 -3.63
C SER A 1320 -15.36 10.55 -4.65
N LYS A 1321 -16.27 10.11 -5.52
CA LYS A 1321 -16.90 11.03 -6.46
C LYS A 1321 -17.53 12.20 -5.72
N ARG A 1322 -18.38 11.91 -4.74
CA ARG A 1322 -19.04 12.97 -3.99
C ARG A 1322 -18.02 13.91 -3.37
N THR A 1323 -16.81 13.41 -3.09
CA THR A 1323 -15.76 14.28 -2.57
C THR A 1323 -15.21 15.18 -3.66
N VAL A 1324 -14.78 14.60 -4.79
CA VAL A 1324 -14.03 15.39 -5.76
C VAL A 1324 -14.87 16.55 -6.27
N ARG A 1325 -16.12 16.28 -6.64
CA ARG A 1325 -17.00 17.36 -7.05
C ARG A 1325 -17.01 18.46 -6.02
N ARG A 1326 -17.24 18.10 -4.74
CA ARG A 1326 -17.27 19.11 -3.70
C ARG A 1326 -15.99 19.95 -3.71
N ILE A 1327 -14.83 19.29 -3.84
CA ILE A 1327 -13.58 20.04 -3.86
C ILE A 1327 -13.63 21.09 -4.94
N ARG A 1328 -14.02 20.71 -6.15
CA ARG A 1328 -14.13 21.68 -7.23
C ARG A 1328 -15.02 22.84 -6.81
N LEU A 1329 -16.20 22.54 -6.26
CA LEU A 1329 -17.08 23.61 -5.81
C LEU A 1329 -16.37 24.49 -4.80
N ASN A 1330 -15.67 23.88 -3.84
CA ASN A 1330 -14.94 24.68 -2.86
C ASN A 1330 -14.00 25.65 -3.56
N PHE A 1331 -13.30 25.18 -4.59
CA PHE A 1331 -12.34 26.05 -5.27
C PHE A 1331 -13.05 27.24 -5.88
N VAL A 1332 -14.25 27.05 -6.42
CA VAL A 1332 -15.03 28.19 -6.89
C VAL A 1332 -15.23 29.20 -5.76
N PHE A 1333 -15.68 28.71 -4.61
CA PHE A 1333 -15.86 29.59 -3.46
C PHE A 1333 -14.53 30.23 -3.05
N ALA A 1334 -13.41 29.55 -3.35
CA ALA A 1334 -12.11 30.10 -2.98
C ALA A 1334 -11.74 31.29 -3.86
N LEU A 1335 -12.30 31.36 -5.07
CA LEU A 1335 -11.89 32.37 -6.04
C LEU A 1335 -12.97 33.39 -6.35
N ILE A 1336 -14.24 32.98 -6.44
CA ILE A 1336 -15.26 33.86 -6.99
C ILE A 1336 -15.31 35.17 -6.22
N TYR A 1337 -15.36 35.10 -4.89
CA TYR A 1337 -15.46 36.33 -4.10
C TYR A 1337 -14.27 37.23 -4.37
N ASN A 1338 -13.07 36.67 -4.48
CA ASN A 1338 -11.92 37.48 -4.84
C ASN A 1338 -12.00 37.95 -6.28
N LEU A 1339 -12.46 37.07 -7.19
CA LEU A 1339 -12.49 37.44 -8.59
C LEU A 1339 -13.43 38.61 -8.83
N LEU A 1340 -14.62 38.56 -8.24
CA LEU A 1340 -15.55 39.69 -8.37
C LEU A 1340 -14.93 40.97 -7.84
N GLY A 1341 -13.99 40.85 -6.90
CA GLY A 1341 -13.33 42.03 -6.39
C GLY A 1341 -12.45 42.70 -7.42
N ILE A 1342 -11.84 41.92 -8.31
CA ILE A 1342 -10.87 42.46 -9.25
C ILE A 1342 -11.48 43.55 -10.12
N PRO A 1343 -12.65 43.36 -10.75
CA PRO A 1343 -13.24 44.47 -11.52
C PRO A 1343 -13.46 45.72 -10.69
N ILE A 1344 -13.88 45.56 -9.43
CA ILE A 1344 -14.12 46.72 -8.58
C ILE A 1344 -12.80 47.41 -8.23
N ALA A 1345 -11.77 46.61 -7.90
CA ALA A 1345 -10.49 47.19 -7.52
C ALA A 1345 -9.85 47.93 -8.69
N ALA A 1346 -10.11 47.48 -9.92
CA ALA A 1346 -9.54 48.10 -11.11
C ALA A 1346 -10.34 49.31 -11.58
N GLY A 1347 -11.44 49.64 -10.91
CA GLY A 1347 -12.23 50.79 -11.30
C GLY A 1347 -13.19 50.56 -12.45
N VAL A 1348 -13.52 49.30 -12.75
CA VAL A 1348 -14.44 49.02 -13.84
C VAL A 1348 -15.81 49.62 -13.54
N PHE A 1349 -16.30 49.44 -12.31
CA PHE A 1349 -17.58 49.98 -11.89
C PHE A 1349 -17.47 51.36 -11.26
N MET A 1350 -16.28 51.96 -11.29
CA MET A 1350 -16.12 53.28 -10.68
C MET A 1350 -17.08 54.33 -11.25
N PRO A 1351 -17.24 54.47 -12.57
CA PRO A 1351 -18.19 55.50 -13.05
C PRO A 1351 -19.61 55.26 -12.58
N ALA A 1352 -20.00 54.00 -12.37
CA ALA A 1352 -21.31 53.71 -11.81
C ALA A 1352 -21.42 54.13 -10.35
N GLY A 1353 -20.31 54.47 -9.71
CA GLY A 1353 -20.30 54.86 -8.32
C GLY A 1353 -19.81 53.81 -7.35
N LEU A 1354 -19.35 52.66 -7.84
CA LEU A 1354 -18.87 51.57 -7.00
C LEU A 1354 -17.34 51.60 -6.98
N VAL A 1355 -16.75 51.76 -5.80
CA VAL A 1355 -15.31 51.80 -5.63
C VAL A 1355 -14.94 50.85 -4.51
N LEU A 1356 -13.68 50.43 -4.50
CA LEU A 1356 -13.20 49.53 -3.45
C LEU A 1356 -13.13 50.25 -2.11
N GLN A 1357 -13.56 49.56 -1.06
CA GLN A 1357 -13.45 50.03 0.31
C GLN A 1357 -12.53 49.10 1.10
N PRO A 1358 -11.91 49.61 2.17
CA PRO A 1358 -11.01 48.75 2.95
C PRO A 1358 -11.68 47.51 3.52
N TRP A 1359 -12.96 47.62 3.92
CA TRP A 1359 -13.63 46.47 4.51
C TRP A 1359 -13.85 45.36 3.49
N MET A 1360 -13.84 45.69 2.20
CA MET A 1360 -14.09 44.68 1.17
C MET A 1360 -13.01 43.60 1.17
N GLY A 1361 -11.75 44.00 1.40
CA GLY A 1361 -10.68 43.02 1.42
C GLY A 1361 -10.89 41.94 2.47
N SER A 1362 -11.26 42.36 3.68
CA SER A 1362 -11.50 41.39 4.75
C SER A 1362 -12.79 40.62 4.51
N ALA A 1363 -13.82 41.28 3.97
CA ALA A 1363 -15.08 40.60 3.72
C ALA A 1363 -14.90 39.50 2.68
N ALA A 1364 -14.05 39.73 1.69
CA ALA A 1364 -13.80 38.70 0.68
C ALA A 1364 -13.26 37.44 1.31
N MET A 1365 -12.23 37.57 2.16
CA MET A 1365 -11.68 36.39 2.83
C MET A 1365 -12.72 35.75 3.74
N ALA A 1366 -13.45 36.56 4.49
CA ALA A 1366 -14.46 36.00 5.39
C ALA A 1366 -15.45 35.14 4.62
N ALA A 1367 -16.04 35.70 3.56
CA ALA A 1367 -17.02 34.97 2.78
C ALA A 1367 -16.41 33.73 2.13
N SER A 1368 -15.23 33.86 1.54
CA SER A 1368 -14.63 32.72 0.85
C SER A 1368 -14.34 31.58 1.82
N SER A 1369 -13.69 31.89 2.95
CA SER A 1369 -13.37 30.85 3.91
C SER A 1369 -14.62 30.23 4.50
N VAL A 1370 -15.62 31.05 4.83
CA VAL A 1370 -16.85 30.50 5.40
C VAL A 1370 -17.53 29.58 4.40
N SER A 1371 -17.61 30.00 3.14
CA SER A 1371 -18.26 29.18 2.12
C SER A 1371 -17.51 27.88 1.92
N VAL A 1372 -16.18 27.93 1.85
CA VAL A 1372 -15.40 26.70 1.65
C VAL A 1372 -15.60 25.75 2.82
N VAL A 1373 -15.51 26.27 4.05
CA VAL A 1373 -15.65 25.42 5.23
C VAL A 1373 -17.04 24.79 5.28
N LEU A 1374 -18.08 25.60 5.03
CA LEU A 1374 -19.44 25.07 5.09
C LEU A 1374 -19.69 24.04 3.99
N SER A 1375 -19.18 24.30 2.79
CA SER A 1375 -19.34 23.34 1.70
C SER A 1375 -18.65 22.02 2.03
N SER A 1376 -17.44 22.09 2.59
CA SER A 1376 -16.74 20.87 2.98
C SER A 1376 -17.50 20.14 4.08
N LEU A 1377 -18.01 20.87 5.07
CA LEU A 1377 -18.73 20.24 6.18
C LEU A 1377 -20.03 19.61 5.71
N GLN A 1378 -20.65 20.16 4.67
CA GLN A 1378 -21.91 19.62 4.18
C GLN A 1378 -21.78 18.17 3.75
N LEU A 1379 -20.57 17.73 3.38
CA LEU A 1379 -20.36 16.34 3.01
C LEU A 1379 -20.71 15.37 4.13
N LYS A 1380 -20.74 15.85 5.38
CA LYS A 1380 -21.10 14.98 6.50
C LYS A 1380 -22.53 14.46 6.37
N CYS A 1381 -23.36 15.08 5.54
CA CYS A 1381 -24.72 14.62 5.31
C CYS A 1381 -24.78 13.51 4.27
N TYR A 1382 -23.65 13.11 3.70
CA TYR A 1382 -23.64 12.02 2.73
C TYR A 1382 -24.19 10.74 3.35
N ARG A 1383 -25.00 10.03 2.57
CA ARG A 1383 -25.61 8.78 3.01
C ARG A 1383 -25.13 7.65 2.10
N LYS A 1384 -24.63 6.58 2.70
CA LYS A 1384 -24.16 5.45 1.92
C LYS A 1384 -25.35 4.79 1.21
N PRO A 1385 -25.23 4.49 -0.09
CA PRO A 1385 -26.34 3.84 -0.79
C PRO A 1385 -26.67 2.50 -0.17
N ASP A 1386 -27.96 2.18 -0.12
CA ASP A 1386 -28.42 0.95 0.51
C ASP A 1386 -28.14 -0.25 -0.40
N SER A 1387 -27.92 -1.40 0.23
CA SER A 1387 -27.75 -2.64 -0.52
C SER A 1387 -29.02 -2.98 -1.29
N ASP A 1388 -30.19 -2.66 -0.71
CA ASP A 1388 -31.44 -2.88 -1.42
C ASP A 1388 -31.48 -2.11 -2.73
N ARG A 1389 -30.90 -0.91 -2.75
CA ARG A 1389 -30.83 -0.15 -4.00
C ARG A 1389 -30.01 -0.89 -5.04
N TYR A 1390 -28.85 -1.43 -4.64
CA TYR A 1390 -28.03 -2.21 -5.57
C TYR A 1390 -28.82 -3.40 -6.10
N GLU A 1391 -29.49 -4.14 -5.21
CA GLU A 1391 -30.21 -5.33 -5.64
C GLU A 1391 -31.34 -4.97 -6.59
N ALA A 1392 -32.10 -3.91 -6.28
CA ALA A 1392 -33.18 -3.51 -7.16
C ALA A 1392 -32.67 -3.06 -8.52
N ARG A 1393 -31.56 -2.30 -8.54
CA ARG A 1393 -30.99 -1.86 -9.80
C ARG A 1393 -30.55 -3.05 -10.65
N ALA A 1394 -30.10 -4.12 -10.00
CA ALA A 1394 -29.68 -5.34 -10.67
C ALA A 1394 -30.68 -6.48 -10.48
N GLN A 1395 -31.94 -6.17 -10.19
CA GLN A 1395 -32.92 -7.21 -9.91
C GLN A 1395 -33.11 -8.11 -11.13
N GLY A 1396 -33.21 -7.52 -12.31
CA GLY A 1396 -33.46 -8.29 -13.52
C GLY A 1396 -32.25 -8.39 -14.42
N HIS A 1397 -31.39 -7.37 -14.41
CA HIS A 1397 -30.23 -7.37 -15.30
C HIS A 1397 -29.25 -8.47 -14.93
N MET A 1398 -29.11 -8.78 -13.63
CA MET A 1398 -28.19 -9.80 -13.19
C MET A 1398 -28.61 -11.16 -13.73
N LYS A 1399 -27.63 -11.95 -14.15
CA LYS A 1399 -27.87 -13.26 -14.75
C LYS A 1399 -26.66 -14.14 -14.51
N PRO A 1400 -26.85 -15.43 -14.21
CA PRO A 1400 -25.70 -16.32 -14.04
C PRO A 1400 -24.94 -16.51 -15.34
N LEU A 1401 -23.66 -16.82 -15.20
CA LEU A 1401 -22.75 -16.97 -16.34
C LEU A 1401 -22.45 -18.44 -16.57
N THR A 1402 -22.35 -18.82 -17.85
CA THR A 1402 -22.02 -20.18 -18.20
C THR A 1402 -20.54 -20.46 -17.97
N PRO A 1403 -20.19 -21.66 -17.52
CA PRO A 1403 -18.75 -21.96 -17.28
C PRO A 1403 -17.91 -21.85 -18.54
N SER A 1404 -18.46 -22.23 -19.70
CA SER A 1404 -17.67 -22.22 -20.92
C SER A 1404 -17.25 -20.81 -21.31
N GLN A 1405 -18.14 -19.84 -21.13
CA GLN A 1405 -17.83 -18.47 -21.54
C GLN A 1405 -16.59 -17.94 -20.83
N ILE A 1406 -16.36 -18.39 -19.59
CA ILE A 1406 -15.21 -17.91 -18.83
C ILE A 1406 -13.93 -18.55 -19.36
N SER A 1407 -12.88 -17.74 -19.47
CA SER A 1407 -11.57 -18.21 -19.90
C SER A 1407 -10.59 -18.06 -18.74
N VAL A 1408 -9.88 -19.13 -18.44
CA VAL A 1408 -8.94 -19.18 -17.31
C VAL A 1408 -7.52 -19.07 -17.84
N HIS A 1409 -6.75 -18.15 -17.27
CA HIS A 1409 -5.35 -17.95 -17.63
C HIS A 1409 -4.47 -18.49 -16.52
N ILE A 1410 -3.55 -19.38 -16.88
CA ILE A 1410 -2.64 -20.00 -15.92
C ILE A 1410 -1.27 -19.36 -16.11
N GLY A 1411 -0.83 -18.61 -15.10
CA GLY A 1411 0.46 -17.94 -15.18
C GLY A 1411 0.40 -16.67 -16.01
N MET A 1412 1.54 -15.98 -16.05
CA MET A 1412 1.62 -14.74 -16.82
C MET A 1412 1.59 -15.02 -18.32
N ASP A 1413 2.31 -16.03 -18.77
CA ASP A 1413 2.42 -16.33 -20.19
C ASP A 1413 1.32 -17.25 -20.71
N ASP A 1414 0.50 -17.82 -19.82
CA ASP A 1414 -0.61 -18.68 -20.22
C ASP A 1414 -0.12 -19.88 -21.03
N ARG A 1415 1.06 -20.41 -20.69
CA ARG A 1415 1.60 -21.55 -21.42
C ARG A 1415 0.71 -22.78 -21.27
N TRP A 1416 0.22 -23.03 -20.06
CA TRP A 1416 -0.58 -24.23 -19.80
C TRP A 1416 -2.03 -24.01 -20.20
N ARG A 1417 -2.75 -25.11 -20.36
CA ARG A 1417 -4.14 -25.08 -20.76
C ARG A 1417 -4.98 -24.30 -19.76
MG MG B . -6.69 -14.07 0.15
AL ALF C . -4.97 -15.16 -2.70
F1 ALF C . -4.01 -14.91 -4.18
F2 ALF C . -5.93 -15.40 -1.21
F3 ALF C . -4.12 -13.78 -1.93
F4 ALF C . -5.82 -16.52 -3.47
#